data_4WVC
#
_entry.id   4WVC
#
_cell.length_a   92.940
_cell.length_b   92.940
_cell.length_c   190.401
_cell.angle_alpha   90.00
_cell.angle_beta   90.00
_cell.angle_gamma   120.00
#
_symmetry.space_group_name_H-M   'P 3 2 1'
#
loop_
_entity.id
_entity.type
_entity.pdbx_description
1 polymer 'Uncharacterized protein'
2 non-polymer 'CHLORIDE ION'
3 non-polymer 2-AMINO-2-HYDROXYMETHYL-PROPANE-1,3-DIOL
4 non-polymer '(2R)-2,3-DIHYDROXYPROPANOIC ACID'
5 water water
#
_entity_poly.entity_id   1
_entity_poly.type   'polypeptide(L)'
_entity_poly.pdbx_seq_one_letter_code
;MAPLRTKAVEVLQRNSRGAFTVPAHGLYPYQWLWDSAFIALGWTQVDWERAWQELLCLFDYGQGPDGMLPHIVFHEQSRD
YFPGPDVWGREARAQPATSGITQPPVVATVVRYLYEKDPDRDRARERARYLFPKLLAFHRWLYHARDPYRTGLVVIVHPW
ESGMDNSPAWDKPLSRVPVENLPPYERRDVKHVNPEERPRKEDYDRYLSLLYLFRRLEYDPREIYRQSPFKVVDVGFNAI
LQRANRDLYALAVLLQEDPYEIEEWIVRGEVGLEALWDREAGFYFSWDLVAGEPIAVKTSAGFLPLFAGTPHQGRASLLA
QEAERWGEKARYLLPSVDPTSPFFEPGRYWRGPVWINVNWMVAEGFRDYGFAALAARLKADALALMEREGFREYYDPLTG
QGRGGEGFSWSAALALFWTR
;
_entity_poly.pdbx_strand_id   A,B
#
# COMPACT_ATOMS: atom_id res chain seq x y z
N PRO A 3 -27.31 -9.06 -34.62
CA PRO A 3 -26.47 -10.14 -34.12
C PRO A 3 -26.17 -10.04 -32.63
N LEU A 4 -25.64 -11.14 -32.09
CA LEU A 4 -25.35 -11.22 -30.66
C LEU A 4 -24.39 -10.09 -30.27
N ARG A 5 -23.38 -9.86 -31.09
CA ARG A 5 -22.31 -8.93 -30.76
C ARG A 5 -22.83 -7.50 -30.70
N THR A 6 -23.61 -7.09 -31.70
CA THR A 6 -24.19 -5.75 -31.69
C THR A 6 -25.02 -5.53 -30.44
N LYS A 7 -25.87 -6.50 -30.09
CA LYS A 7 -26.68 -6.43 -28.86
C LYS A 7 -25.81 -6.36 -27.59
N ALA A 8 -24.69 -7.09 -27.60
CA ALA A 8 -23.76 -7.14 -26.46
C ALA A 8 -23.17 -5.77 -26.20
N VAL A 9 -22.69 -5.12 -27.26
CA VAL A 9 -22.12 -3.78 -27.16
C VAL A 9 -23.08 -2.78 -26.50
N GLU A 10 -24.35 -2.82 -26.91
CA GLU A 10 -25.35 -1.90 -26.38
C GLU A 10 -25.56 -2.04 -24.88
N VAL A 11 -25.51 -3.27 -24.35
CA VAL A 11 -25.63 -3.50 -22.90
C VAL A 11 -24.47 -2.84 -22.17
N LEU A 12 -23.26 -3.01 -22.70
CA LEU A 12 -22.07 -2.40 -22.07
C LEU A 12 -22.15 -0.86 -22.09
N GLN A 13 -22.58 -0.29 -23.23
CA GLN A 13 -22.75 1.15 -23.33
C GLN A 13 -23.89 1.66 -22.48
N ARG A 14 -24.99 0.91 -22.41
CA ARG A 14 -26.08 1.33 -21.51
C ARG A 14 -25.66 1.22 -20.02
N ASN A 15 -24.93 0.17 -19.66
CA ASN A 15 -24.52 -0.06 -18.25
C ASN A 15 -23.30 0.74 -17.81
N SER A 16 -22.60 1.34 -18.78
CA SER A 16 -21.45 2.22 -18.51
C SER A 16 -21.91 3.45 -17.72
N ARG A 17 -21.17 3.75 -16.65
CA ARG A 17 -21.36 5.00 -15.91
C ARG A 17 -20.20 5.95 -16.14
N GLY A 18 -19.51 5.80 -17.27
CA GLY A 18 -18.34 6.60 -17.60
C GLY A 18 -17.05 5.86 -17.36
N ALA A 19 -16.66 5.73 -16.09
CA ALA A 19 -15.41 5.08 -15.71
C ALA A 19 -15.57 3.60 -15.43
N PHE A 20 -16.74 3.20 -14.92
CA PHE A 20 -17.01 1.79 -14.60
C PHE A 20 -18.34 1.36 -15.22
N THR A 21 -18.59 0.06 -15.19
CA THR A 21 -19.78 -0.52 -15.80
C THR A 21 -20.51 -1.24 -14.68
N VAL A 22 -21.81 -0.97 -14.50
CA VAL A 22 -22.56 -1.71 -13.47
C VAL A 22 -22.86 -3.11 -13.98
N PRO A 23 -22.87 -4.11 -13.07
CA PRO A 23 -23.32 -5.46 -13.46
C PRO A 23 -24.74 -5.50 -14.02
N ALA A 24 -25.65 -4.71 -13.45
CA ALA A 24 -27.04 -4.62 -13.93
C ALA A 24 -27.71 -3.37 -13.36
N HIS A 25 -28.41 -2.63 -14.23
CA HIS A 25 -29.17 -1.41 -13.88
C HIS A 25 -30.09 -1.70 -12.71
N GLY A 26 -30.00 -0.91 -11.66
CA GLY A 26 -30.88 -1.09 -10.49
C GLY A 26 -30.52 -2.23 -9.55
N LEU A 27 -30.54 -3.46 -10.07
CA LEU A 27 -30.17 -4.62 -9.27
C LEU A 27 -28.77 -4.45 -8.65
N TYR A 28 -27.81 -4.04 -9.48
CA TYR A 28 -26.41 -3.90 -9.06
C TYR A 28 -25.89 -2.53 -9.51
N PRO A 29 -26.32 -1.46 -8.81
CA PRO A 29 -26.05 -0.09 -9.23
C PRO A 29 -24.68 0.47 -8.80
N TYR A 30 -23.65 -0.38 -8.72
CA TYR A 30 -22.34 0.00 -8.17
C TYR A 30 -21.25 -0.73 -8.95
N GLN A 31 -19.99 -0.47 -8.65
CA GLN A 31 -18.91 -1.27 -9.25
C GLN A 31 -18.61 -2.53 -8.44
N TRP A 32 -18.68 -3.69 -9.09
CA TRP A 32 -18.26 -4.96 -8.48
C TRP A 32 -16.87 -5.38 -8.98
N LEU A 33 -16.13 -6.05 -8.11
CA LEU A 33 -14.75 -6.43 -8.36
C LEU A 33 -14.58 -7.42 -9.53
N TRP A 34 -15.05 -8.67 -9.38
CA TRP A 34 -14.79 -9.65 -10.47
C TRP A 34 -15.70 -9.42 -11.64
N ASP A 35 -16.83 -8.75 -11.41
CA ASP A 35 -17.67 -8.28 -12.52
C ASP A 35 -16.86 -7.37 -13.41
N SER A 36 -16.20 -6.37 -12.84
CA SER A 36 -15.44 -5.39 -13.65
C SER A 36 -14.28 -5.98 -14.43
N ALA A 37 -13.69 -7.07 -13.93
CA ALA A 37 -12.56 -7.71 -14.61
C ALA A 37 -13.02 -8.39 -15.90
N PHE A 38 -14.05 -9.24 -15.80
CA PHE A 38 -14.60 -9.91 -16.97
C PHE A 38 -15.17 -8.88 -17.96
N ILE A 39 -15.77 -7.81 -17.45
CA ILE A 39 -16.39 -6.75 -18.28
C ILE A 39 -15.32 -6.01 -19.06
N ALA A 40 -14.17 -5.82 -18.45
CA ALA A 40 -13.03 -5.25 -19.17
C ALA A 40 -12.67 -6.03 -20.43
N LEU A 41 -12.73 -7.36 -20.39
CA LEU A 41 -12.41 -8.16 -21.57
C LEU A 41 -13.38 -7.84 -22.72
N GLY A 42 -14.66 -7.64 -22.39
CA GLY A 42 -15.64 -7.26 -23.38
C GLY A 42 -15.35 -5.92 -24.05
N TRP A 43 -14.99 -4.92 -23.24
CA TRP A 43 -14.64 -3.59 -23.75
C TRP A 43 -13.46 -3.60 -24.71
N THR A 44 -12.63 -4.63 -24.65
CA THR A 44 -11.53 -4.80 -25.62
C THR A 44 -12.04 -4.93 -27.05
N GLN A 45 -13.31 -5.34 -27.19
CA GLN A 45 -13.96 -5.48 -28.49
C GLN A 45 -14.69 -4.21 -28.96
N VAL A 46 -14.62 -3.13 -28.17
CA VAL A 46 -15.32 -1.87 -28.45
C VAL A 46 -14.35 -0.69 -28.43
N ASP A 47 -13.54 -0.58 -27.37
CA ASP A 47 -12.63 0.54 -27.17
C ASP A 47 -11.62 0.16 -26.09
N TRP A 48 -10.37 0.01 -26.47
CA TRP A 48 -9.34 -0.44 -25.55
C TRP A 48 -9.07 0.49 -24.38
N GLU A 49 -9.14 1.79 -24.65
CA GLU A 49 -8.89 2.83 -23.64
C GLU A 49 -9.85 2.63 -22.49
N ARG A 50 -11.11 2.40 -22.86
CA ARG A 50 -12.19 2.23 -21.90
C ARG A 50 -12.12 0.84 -21.19
N ALA A 51 -11.53 -0.15 -21.85
CA ALA A 51 -11.28 -1.45 -21.23
C ALA A 51 -10.33 -1.29 -20.02
N TRP A 52 -9.19 -0.65 -20.28
CA TRP A 52 -8.25 -0.32 -19.21
C TRP A 52 -8.89 0.51 -18.12
N GLN A 53 -9.61 1.54 -18.54
CA GLN A 53 -10.26 2.45 -17.62
C GLN A 53 -11.10 1.74 -16.59
N GLU A 54 -11.83 0.69 -17.01
CA GLU A 54 -12.61 -0.09 -16.07
C GLU A 54 -11.78 -0.53 -14.86
N LEU A 55 -10.53 -0.93 -15.13
CA LEU A 55 -9.64 -1.47 -14.07
C LEU A 55 -9.00 -0.36 -13.26
N LEU A 56 -8.52 0.68 -13.94
CA LEU A 56 -8.02 1.87 -13.26
C LEU A 56 -9.02 2.41 -12.24
N CYS A 57 -10.28 2.57 -12.65
CA CYS A 57 -11.32 3.05 -11.74
C CYS A 57 -11.46 2.12 -10.54
N LEU A 58 -11.43 0.82 -10.78
CA LEU A 58 -11.53 -0.17 -9.71
C LEU A 58 -10.43 0.00 -8.64
N PHE A 59 -9.20 0.23 -9.06
CA PHE A 59 -8.10 0.37 -8.14
C PHE A 59 -8.07 1.78 -7.52
N ASP A 60 -8.13 2.80 -8.38
CA ASP A 60 -8.05 4.20 -7.94
C ASP A 60 -9.12 4.59 -6.91
N TYR A 61 -10.34 4.10 -7.07
CA TYR A 61 -11.42 4.39 -6.12
C TYR A 61 -11.70 3.27 -5.13
N GLY A 62 -11.29 2.05 -5.45
CA GLY A 62 -11.59 0.88 -4.60
C GLY A 62 -10.53 0.49 -3.59
N GLN A 63 -9.27 0.51 -4.02
CA GLN A 63 -8.18 -0.08 -3.24
C GLN A 63 -7.81 0.74 -2.03
N GLY A 64 -7.92 0.15 -0.84
CA GLY A 64 -7.54 0.79 0.41
C GLY A 64 -6.03 0.90 0.58
N PRO A 65 -5.59 1.51 1.70
CA PRO A 65 -4.16 1.72 1.92
C PRO A 65 -3.38 0.43 2.13
N ASP A 66 -4.05 -0.57 2.70
CA ASP A 66 -3.45 -1.89 2.93
C ASP A 66 -3.38 -2.81 1.69
N GLY A 67 -3.85 -2.32 0.54
CA GLY A 67 -3.84 -3.08 -0.71
C GLY A 67 -5.10 -3.87 -0.98
N MET A 68 -5.99 -3.97 0.01
CA MET A 68 -7.25 -4.70 -0.16
C MET A 68 -8.10 -4.10 -1.28
N LEU A 69 -8.63 -4.96 -2.14
CA LEU A 69 -9.56 -4.57 -3.16
C LEU A 69 -10.90 -5.14 -2.71
N PRO A 70 -11.88 -4.25 -2.44
CA PRO A 70 -13.19 -4.65 -1.93
C PRO A 70 -14.11 -5.10 -3.05
N HIS A 71 -15.18 -5.78 -2.69
CA HIS A 71 -16.05 -6.38 -3.71
C HIS A 71 -17.00 -5.40 -4.37
N ILE A 72 -17.34 -4.33 -3.67
CA ILE A 72 -18.17 -3.27 -4.24
C ILE A 72 -17.54 -1.92 -3.94
N VAL A 73 -17.43 -1.11 -4.99
CA VAL A 73 -17.13 0.32 -4.84
C VAL A 73 -18.45 1.07 -4.99
N PHE A 74 -18.90 1.66 -3.89
CA PHE A 74 -20.19 2.35 -3.85
C PHE A 74 -20.12 3.76 -4.45
N HIS A 75 -19.91 3.86 -5.75
CA HIS A 75 -19.67 5.16 -6.39
C HIS A 75 -20.77 6.22 -6.19
N GLU A 76 -22.03 5.87 -6.47
CA GLU A 76 -23.13 6.82 -6.45
C GLU A 76 -24.21 6.34 -5.51
N GLN A 77 -24.78 7.27 -4.75
CA GLN A 77 -25.95 6.99 -3.92
C GLN A 77 -26.98 6.20 -4.70
N SER A 78 -27.66 5.28 -4.04
CA SER A 78 -28.82 4.60 -4.63
C SER A 78 -29.62 3.92 -3.54
N ARG A 79 -30.94 3.84 -3.72
CA ARG A 79 -31.81 3.09 -2.80
C ARG A 79 -32.14 1.70 -3.32
N ASP A 80 -31.62 1.40 -4.51
CA ASP A 80 -31.98 0.19 -5.23
C ASP A 80 -31.26 -1.07 -4.69
N TYR A 81 -30.22 -0.89 -3.89
CA TYR A 81 -29.40 -2.01 -3.44
C TYR A 81 -29.26 -2.05 -1.93
N PHE A 82 -29.42 -3.26 -1.39
CA PHE A 82 -29.11 -3.54 0.01
C PHE A 82 -28.25 -4.83 0.11
N PRO A 83 -27.15 -4.80 0.93
CA PRO A 83 -26.78 -3.71 1.83
C PRO A 83 -25.85 -2.69 1.19
N GLY A 84 -26.25 -1.42 1.23
CA GLY A 84 -25.48 -0.32 0.64
C GLY A 84 -24.47 0.31 1.61
N PRO A 85 -23.79 1.40 1.17
CA PRO A 85 -22.64 1.92 1.93
C PRO A 85 -22.95 2.17 3.40
N ASP A 86 -24.16 2.64 3.71
CA ASP A 86 -24.52 2.95 5.09
C ASP A 86 -24.59 1.73 5.99
N VAL A 87 -24.91 0.55 5.44
CA VAL A 87 -24.87 -0.65 6.28
C VAL A 87 -23.42 -0.99 6.58
N TRP A 88 -22.56 -0.92 5.55
CA TRP A 88 -21.15 -1.28 5.70
C TRP A 88 -20.46 -0.27 6.61
N GLY A 89 -20.85 0.99 6.45
CA GLY A 89 -20.41 2.06 7.35
C GLY A 89 -18.92 2.27 7.29
N ARG A 90 -18.44 2.83 6.17
CA ARG A 90 -17.00 3.02 5.96
C ARG A 90 -16.70 4.40 5.38
N PRO A 96 -14.80 7.44 -2.40
CA PRO A 96 -16.15 6.89 -2.22
C PRO A 96 -16.18 5.67 -1.30
N ALA A 97 -17.32 5.40 -0.68
CA ALA A 97 -17.46 4.26 0.24
C ALA A 97 -17.27 2.92 -0.48
N THR A 98 -16.86 1.89 0.27
CA THR A 98 -16.69 0.54 -0.28
C THR A 98 -17.20 -0.49 0.71
N SER A 99 -17.33 -1.73 0.26
CA SER A 99 -17.62 -2.82 1.18
C SER A 99 -16.33 -3.18 1.94
N GLY A 100 -16.45 -4.06 2.91
CA GLY A 100 -15.34 -4.44 3.77
C GLY A 100 -14.81 -5.83 3.45
N ILE A 101 -15.27 -6.43 2.34
CA ILE A 101 -14.83 -7.79 1.96
C ILE A 101 -14.33 -7.78 0.53
N THR A 102 -13.69 -8.88 0.10
CA THR A 102 -13.08 -8.95 -1.23
C THR A 102 -13.85 -9.92 -2.14
N GLN A 103 -13.33 -10.16 -3.33
CA GLN A 103 -13.95 -11.06 -4.29
C GLN A 103 -12.87 -11.79 -5.09
N PRO A 104 -13.27 -12.76 -5.94
CA PRO A 104 -12.22 -13.61 -6.52
C PRO A 104 -11.23 -12.80 -7.34
N PRO A 105 -9.93 -12.97 -7.07
CA PRO A 105 -8.92 -12.08 -7.65
C PRO A 105 -8.56 -12.43 -9.09
N VAL A 106 -9.54 -12.40 -9.97
CA VAL A 106 -9.32 -12.70 -11.40
C VAL A 106 -8.61 -11.56 -12.16
N VAL A 107 -8.39 -10.42 -11.49
CA VAL A 107 -7.93 -9.19 -12.14
C VAL A 107 -6.57 -9.29 -12.87
N ALA A 108 -5.57 -9.89 -12.23
CA ALA A 108 -4.23 -9.97 -12.86
C ALA A 108 -4.29 -10.71 -14.19
N THR A 109 -5.14 -11.74 -14.25
CA THR A 109 -5.33 -12.51 -15.47
C THR A 109 -5.86 -11.59 -16.58
N VAL A 110 -6.86 -10.80 -16.23
CA VAL A 110 -7.44 -9.83 -17.16
C VAL A 110 -6.44 -8.76 -17.53
N VAL A 111 -5.71 -8.27 -16.53
CA VAL A 111 -4.63 -7.30 -16.81
C VAL A 111 -3.57 -7.91 -17.74
N ARG A 112 -3.25 -9.20 -17.60
CA ARG A 112 -2.27 -9.82 -18.49
C ARG A 112 -2.75 -9.84 -19.94
N TYR A 113 -4.01 -10.19 -20.15
CA TYR A 113 -4.52 -10.17 -21.50
C TYR A 113 -4.53 -8.72 -22.06
N LEU A 114 -5.03 -7.76 -21.29
CA LEU A 114 -5.03 -6.38 -21.78
C LEU A 114 -3.62 -5.94 -22.20
N TYR A 115 -2.66 -6.17 -21.32
CA TYR A 115 -1.28 -5.86 -21.63
C TYR A 115 -0.78 -6.51 -22.93
N GLU A 116 -0.99 -7.81 -23.08
CA GLU A 116 -0.42 -8.54 -24.21
C GLU A 116 -1.01 -8.11 -25.56
N LYS A 117 -2.28 -7.75 -25.55
CA LYS A 117 -3.05 -7.59 -26.77
C LYS A 117 -3.41 -6.15 -27.18
N ASP A 118 -3.25 -5.18 -26.30
CA ASP A 118 -3.54 -3.78 -26.65
C ASP A 118 -2.76 -3.46 -27.89
N PRO A 119 -3.44 -2.94 -28.94
CA PRO A 119 -2.70 -2.52 -30.14
C PRO A 119 -1.77 -1.36 -29.88
N ASP A 120 -2.09 -0.55 -28.88
CA ASP A 120 -1.23 0.56 -28.47
C ASP A 120 -0.27 0.08 -27.38
N ARG A 121 0.98 -0.09 -27.78
CA ARG A 121 2.01 -0.68 -26.95
C ARG A 121 2.54 0.29 -25.89
N ASP A 122 2.55 1.60 -26.19
CA ASP A 122 2.88 2.61 -25.16
C ASP A 122 1.80 2.67 -24.09
N ARG A 123 0.54 2.65 -24.48
CA ARG A 123 -0.54 2.57 -23.51
C ARG A 123 -0.45 1.32 -22.67
N ALA A 124 -0.35 0.17 -23.32
CA ALA A 124 -0.19 -1.12 -22.66
C ALA A 124 0.84 -1.03 -21.52
N ARG A 125 2.05 -0.56 -21.85
CA ARG A 125 3.11 -0.51 -20.86
C ARG A 125 2.82 0.48 -19.75
N GLU A 126 2.28 1.66 -20.07
CA GLU A 126 1.89 2.62 -19.02
C GLU A 126 0.92 2.01 -18.04
N ARG A 127 -0.14 1.40 -18.56
CA ARG A 127 -1.21 0.87 -17.71
C ARG A 127 -0.73 -0.33 -16.88
N ALA A 128 0.10 -1.17 -17.50
CA ALA A 128 0.54 -2.38 -16.83
C ALA A 128 1.54 -2.06 -15.71
N ARG A 129 2.46 -1.15 -15.99
CA ARG A 129 3.39 -0.67 -14.98
C ARG A 129 2.66 0.06 -13.85
N TYR A 130 1.65 0.84 -14.20
CA TYR A 130 0.84 1.50 -13.20
C TYR A 130 0.06 0.49 -12.34
N LEU A 131 -0.44 -0.57 -12.95
CA LEU A 131 -1.27 -1.51 -12.20
C LEU A 131 -0.46 -2.60 -11.52
N PHE A 132 0.73 -2.90 -12.04
CA PHE A 132 1.51 -4.02 -11.49
C PHE A 132 1.67 -3.95 -9.95
N PRO A 133 2.27 -2.86 -9.42
CA PRO A 133 2.47 -2.85 -7.95
C PRO A 133 1.16 -2.87 -7.14
N LYS A 134 0.08 -2.37 -7.74
CA LYS A 134 -1.23 -2.38 -7.09
C LYS A 134 -1.78 -3.80 -7.02
N LEU A 135 -1.52 -4.57 -8.06
CA LEU A 135 -1.89 -5.98 -8.11
C LEU A 135 -1.14 -6.73 -7.02
N LEU A 136 0.17 -6.49 -6.94
CA LEU A 136 1.03 -7.13 -5.96
C LEU A 136 0.59 -6.85 -4.52
N ALA A 137 0.20 -5.60 -4.25
CA ALA A 137 -0.29 -5.21 -2.92
C ALA A 137 -1.62 -5.90 -2.59
N PHE A 138 -2.48 -6.04 -3.60
CA PHE A 138 -3.74 -6.75 -3.40
C PHE A 138 -3.48 -8.22 -3.01
N HIS A 139 -2.66 -8.91 -3.78
CA HIS A 139 -2.32 -10.30 -3.48
C HIS A 139 -1.64 -10.40 -2.10
N ARG A 140 -0.79 -9.43 -1.76
CA ARG A 140 -0.12 -9.42 -0.47
C ARG A 140 -1.11 -9.31 0.69
N TRP A 141 -2.09 -8.45 0.51
CA TRP A 141 -3.16 -8.32 1.49
C TRP A 141 -3.87 -9.66 1.67
N LEU A 142 -4.15 -10.35 0.56
CA LEU A 142 -4.82 -11.66 0.65
C LEU A 142 -4.04 -12.61 1.59
N TYR A 143 -2.73 -12.74 1.39
CA TYR A 143 -1.93 -13.67 2.17
C TYR A 143 -1.73 -13.19 3.63
N HIS A 144 -1.58 -11.88 3.79
CA HIS A 144 -1.51 -11.24 5.13
C HIS A 144 -2.81 -11.47 5.93
N ALA A 145 -3.94 -11.05 5.37
CA ALA A 145 -5.25 -11.16 6.03
C ALA A 145 -5.77 -12.60 6.13
N ARG A 146 -5.56 -13.38 5.07
CA ARG A 146 -6.28 -14.64 4.94
C ARG A 146 -5.44 -15.91 4.94
N ASP A 147 -4.11 -15.79 5.11
CA ASP A 147 -3.25 -16.96 5.15
C ASP A 147 -2.14 -16.79 6.18
N PRO A 148 -2.53 -16.60 7.45
CA PRO A 148 -1.51 -16.33 8.48
C PRO A 148 -0.57 -17.52 8.75
N TYR A 149 -1.01 -18.76 8.51
CA TYR A 149 -0.14 -19.94 8.71
C TYR A 149 0.73 -20.23 7.48
N ARG A 150 0.64 -19.39 6.46
CA ARG A 150 1.45 -19.52 5.26
C ARG A 150 1.29 -20.90 4.62
N THR A 151 0.02 -21.30 4.43
CA THR A 151 -0.38 -22.55 3.78
C THR A 151 -0.30 -22.53 2.25
N GLY A 152 -0.39 -21.34 1.67
CA GLY A 152 -0.56 -21.18 0.24
C GLY A 152 -2.00 -21.04 -0.17
N LEU A 153 -2.93 -21.37 0.72
CA LEU A 153 -4.37 -21.20 0.47
C LEU A 153 -4.89 -20.02 1.27
N VAL A 154 -5.87 -19.31 0.73
CA VAL A 154 -6.49 -18.19 1.42
C VAL A 154 -7.92 -18.52 1.78
N VAL A 155 -8.37 -18.07 2.95
CA VAL A 155 -9.76 -18.23 3.34
C VAL A 155 -10.60 -17.04 2.92
N ILE A 156 -11.85 -17.33 2.56
CA ILE A 156 -12.89 -16.31 2.54
C ILE A 156 -13.68 -16.37 3.87
N VAL A 157 -14.08 -15.20 4.36
CA VAL A 157 -14.78 -15.11 5.63
C VAL A 157 -16.26 -14.84 5.46
N HIS A 158 -16.68 -14.73 4.20
CA HIS A 158 -18.07 -14.44 3.87
C HIS A 158 -18.40 -15.05 2.51
N PRO A 159 -19.56 -15.75 2.42
CA PRO A 159 -19.86 -16.39 1.16
C PRO A 159 -19.97 -15.46 -0.07
N TRP A 160 -20.25 -14.16 0.11
CA TRP A 160 -20.15 -13.17 -1.01
C TRP A 160 -18.74 -13.05 -1.63
N GLU A 161 -17.70 -13.41 -0.86
CA GLU A 161 -16.32 -13.33 -1.34
C GLU A 161 -15.98 -14.41 -2.38
N SER A 162 -16.75 -15.50 -2.38
CA SER A 162 -16.62 -16.53 -3.40
C SER A 162 -17.17 -16.04 -4.76
N GLY A 163 -18.06 -15.05 -4.71
CA GLY A 163 -18.77 -14.59 -5.90
C GLY A 163 -19.96 -15.48 -6.20
N MET A 164 -20.15 -16.51 -5.39
CA MET A 164 -21.12 -17.56 -5.62
C MET A 164 -21.94 -17.71 -4.35
N ASP A 165 -22.79 -16.71 -4.14
CA ASP A 165 -23.30 -16.32 -2.83
C ASP A 165 -24.05 -17.39 -2.09
N ASN A 166 -24.94 -18.10 -2.77
CA ASN A 166 -25.74 -19.11 -2.11
C ASN A 166 -25.41 -20.53 -2.56
N SER A 167 -24.14 -20.74 -2.90
CA SER A 167 -23.68 -22.08 -3.30
C SER A 167 -24.01 -23.08 -2.22
N PRO A 168 -24.53 -24.26 -2.61
CA PRO A 168 -24.84 -25.21 -1.54
C PRO A 168 -23.62 -25.62 -0.70
N ALA A 169 -22.38 -25.45 -1.20
CA ALA A 169 -21.18 -25.71 -0.38
C ALA A 169 -21.16 -24.89 0.93
N TRP A 170 -21.71 -23.67 0.90
CA TRP A 170 -21.74 -22.80 2.08
C TRP A 170 -22.86 -23.09 3.08
N ASP A 171 -23.84 -23.92 2.74
CA ASP A 171 -24.99 -24.12 3.66
C ASP A 171 -24.56 -24.50 5.09
N LYS A 172 -23.77 -25.57 5.23
CA LYS A 172 -23.39 -26.02 6.58
C LYS A 172 -22.46 -25.01 7.26
N PRO A 173 -21.44 -24.50 6.56
CA PRO A 173 -20.70 -23.37 7.16
C PRO A 173 -21.62 -22.21 7.66
N LEU A 174 -22.61 -21.82 6.85
CA LEU A 174 -23.52 -20.73 7.22
C LEU A 174 -24.42 -21.07 8.39
N SER A 175 -24.81 -22.34 8.50
CA SER A 175 -25.62 -22.80 9.63
C SER A 175 -25.09 -22.37 10.98
N ARG A 176 -23.77 -22.17 11.09
CA ARG A 176 -23.17 -21.75 12.35
C ARG A 176 -23.19 -20.26 12.62
N VAL A 177 -23.57 -19.45 11.64
CA VAL A 177 -23.58 -18.00 11.83
C VAL A 177 -24.78 -17.61 12.69
N PRO A 178 -24.54 -16.95 13.84
CA PRO A 178 -25.66 -16.59 14.72
C PRO A 178 -26.55 -15.51 14.12
N VAL A 179 -27.86 -15.64 14.29
CA VAL A 179 -28.81 -14.71 13.68
C VAL A 179 -29.71 -14.05 14.71
N GLU A 180 -29.22 -13.99 15.94
CA GLU A 180 -29.96 -13.44 17.07
C GLU A 180 -29.96 -11.92 17.06
N ASN A 181 -31.14 -11.34 17.30
CA ASN A 181 -31.30 -9.89 17.51
C ASN A 181 -30.69 -9.03 16.40
N LEU A 182 -30.95 -9.41 15.15
CA LEU A 182 -30.49 -8.66 14.00
C LEU A 182 -31.42 -7.49 13.78
N PRO A 183 -30.90 -6.35 13.34
CA PRO A 183 -31.85 -5.27 12.99
C PRO A 183 -32.83 -5.68 11.90
N PRO A 184 -34.08 -5.18 11.95
CA PRO A 184 -34.97 -5.41 10.80
C PRO A 184 -34.40 -4.74 9.55
N TYR A 185 -34.43 -5.42 8.41
CA TYR A 185 -33.97 -4.82 7.15
C TYR A 185 -34.98 -5.11 6.08
N GLU A 186 -34.99 -4.30 5.02
CA GLU A 186 -35.78 -4.61 3.83
C GLU A 186 -34.83 -4.89 2.66
N ARG A 187 -35.01 -6.06 2.05
CA ARG A 187 -34.26 -6.44 0.88
C ARG A 187 -34.73 -5.71 -0.35
N ARG A 188 -33.77 -5.31 -1.18
CA ARG A 188 -34.07 -4.63 -2.42
C ARG A 188 -33.87 -5.48 -3.70
N ASP A 189 -33.00 -6.50 -3.65
CA ASP A 189 -32.75 -7.38 -4.81
C ASP A 189 -34.04 -8.03 -5.36
N VAL A 190 -34.93 -8.46 -4.45
CA VAL A 190 -36.19 -9.07 -4.84
C VAL A 190 -37.19 -8.07 -5.50
N LYS A 191 -36.88 -6.76 -5.51
CA LYS A 191 -37.62 -5.83 -6.40
C LYS A 191 -37.21 -5.93 -7.86
N HIS A 192 -36.00 -6.36 -8.13
CA HIS A 192 -35.51 -6.51 -9.51
C HIS A 192 -35.52 -7.96 -10.04
N VAL A 193 -35.65 -8.94 -9.17
CA VAL A 193 -35.53 -10.33 -9.58
C VAL A 193 -36.54 -11.14 -8.82
N ASN A 194 -37.10 -12.15 -9.45
CA ASN A 194 -37.99 -13.05 -8.74
C ASN A 194 -37.29 -13.59 -7.48
N PRO A 195 -38.00 -13.63 -6.34
CA PRO A 195 -37.42 -14.11 -5.09
C PRO A 195 -36.96 -15.55 -5.17
N GLU A 196 -37.74 -16.40 -5.84
CA GLU A 196 -37.36 -17.80 -6.05
C GLU A 196 -36.03 -17.95 -6.80
N GLU A 197 -35.59 -16.91 -7.50
CA GLU A 197 -34.29 -16.91 -8.21
C GLU A 197 -33.11 -16.37 -7.39
N ARG A 198 -33.40 -15.86 -6.19
CA ARG A 198 -32.43 -15.22 -5.31
C ARG A 198 -32.25 -16.01 -4.03
N PRO A 199 -31.29 -15.61 -3.19
CA PRO A 199 -31.16 -16.35 -1.91
C PRO A 199 -32.35 -16.17 -0.97
N ARG A 200 -32.59 -17.16 -0.13
CA ARG A 200 -33.68 -17.14 0.81
C ARG A 200 -33.32 -16.25 1.97
N LYS A 201 -34.31 -15.91 2.80
CA LYS A 201 -34.09 -14.94 3.86
C LYS A 201 -33.11 -15.48 4.90
N GLU A 202 -33.21 -16.77 5.20
CA GLU A 202 -32.27 -17.43 6.11
C GLU A 202 -30.84 -17.15 5.68
N ASP A 203 -30.63 -17.15 4.37
CA ASP A 203 -29.34 -16.81 3.82
C ASP A 203 -28.99 -15.37 4.10
N TYR A 204 -29.86 -14.44 3.72
CA TYR A 204 -29.57 -12.99 3.93
C TYR A 204 -29.38 -12.57 5.41
N ASP A 205 -30.16 -13.16 6.30
CA ASP A 205 -29.95 -12.93 7.74
C ASP A 205 -28.51 -13.23 8.12
N ARG A 206 -28.00 -14.34 7.61
CA ARG A 206 -26.66 -14.80 7.91
C ARG A 206 -25.62 -13.94 7.19
N TYR A 207 -25.95 -13.49 5.97
CA TYR A 207 -25.04 -12.61 5.23
C TYR A 207 -24.83 -11.33 6.01
N LEU A 208 -25.93 -10.77 6.54
CA LEU A 208 -25.87 -9.51 7.32
C LEU A 208 -25.23 -9.69 8.70
N SER A 209 -25.53 -10.80 9.36
CA SER A 209 -24.86 -11.08 10.64
C SER A 209 -23.33 -11.06 10.52
N LEU A 210 -22.80 -11.68 9.49
CA LEU A 210 -21.35 -11.60 9.24
C LEU A 210 -20.90 -10.15 8.98
N LEU A 211 -21.62 -9.39 8.16
CA LEU A 211 -21.25 -7.99 7.88
C LEU A 211 -21.21 -7.13 9.17
N TYR A 212 -22.17 -7.33 10.06
CA TYR A 212 -22.19 -6.63 11.35
C TYR A 212 -21.08 -7.05 12.31
N LEU A 213 -20.69 -8.32 12.29
CA LEU A 213 -19.54 -8.75 13.09
C LEU A 213 -18.30 -8.05 12.55
N PHE A 214 -18.19 -7.97 11.23
CA PHE A 214 -17.02 -7.37 10.61
C PHE A 214 -16.96 -5.87 10.86
N ARG A 215 -18.11 -5.19 10.77
CA ARG A 215 -18.18 -3.75 11.03
C ARG A 215 -17.87 -3.46 12.49
N ARG A 216 -18.37 -4.32 13.39
CA ARG A 216 -18.08 -4.24 14.84
C ARG A 216 -16.57 -4.40 15.16
N LEU A 217 -15.92 -5.31 14.45
CA LEU A 217 -14.47 -5.54 14.60
C LEU A 217 -13.67 -4.59 13.74
N GLU A 218 -14.32 -3.54 13.22
CA GLU A 218 -13.67 -2.46 12.45
C GLU A 218 -12.90 -2.94 11.22
N TYR A 219 -13.38 -4.03 10.63
CA TYR A 219 -12.78 -4.62 9.44
C TYR A 219 -11.30 -4.86 9.65
N ASP A 220 -10.95 -5.28 10.86
CA ASP A 220 -9.57 -5.62 11.21
C ASP A 220 -9.23 -7.01 10.69
N PRO A 221 -8.33 -7.10 9.69
CA PRO A 221 -7.98 -8.41 9.15
C PRO A 221 -7.68 -9.47 10.20
N ARG A 222 -6.87 -9.15 11.20
CA ARG A 222 -6.49 -10.13 12.23
C ARG A 222 -7.71 -10.64 13.01
N GLU A 223 -8.55 -9.74 13.50
CA GLU A 223 -9.75 -10.12 14.28
C GLU A 223 -10.81 -10.83 13.45
N ILE A 224 -11.04 -10.36 12.22
CA ILE A 224 -12.01 -10.99 11.30
C ILE A 224 -11.63 -12.46 11.14
N TYR A 225 -10.35 -12.74 10.93
CA TYR A 225 -9.88 -14.10 10.76
C TYR A 225 -10.10 -14.90 12.03
N ARG A 226 -9.80 -14.32 13.19
CA ARG A 226 -9.92 -15.06 14.44
C ARG A 226 -11.37 -15.32 14.83
N GLN A 227 -12.26 -14.40 14.51
CA GLN A 227 -13.58 -14.41 15.11
C GLN A 227 -14.71 -14.81 14.18
N SER A 228 -14.50 -14.74 12.87
CA SER A 228 -15.57 -15.08 11.94
C SER A 228 -16.06 -16.49 12.17
N PRO A 229 -17.38 -16.66 12.33
CA PRO A 229 -17.92 -18.01 12.45
C PRO A 229 -17.93 -18.76 11.12
N PHE A 230 -17.63 -18.04 10.03
CA PHE A 230 -17.51 -18.58 8.67
C PHE A 230 -16.04 -18.45 8.22
N LYS A 231 -15.37 -19.58 8.00
CA LYS A 231 -13.99 -19.62 7.48
C LYS A 231 -13.87 -20.77 6.49
N VAL A 232 -13.73 -20.48 5.20
CA VAL A 232 -13.76 -21.51 4.17
C VAL A 232 -12.62 -21.31 3.19
N VAL A 233 -11.93 -22.40 2.85
CA VAL A 233 -11.01 -22.38 1.72
C VAL A 233 -11.85 -22.69 0.50
N ASP A 234 -12.24 -21.66 -0.22
CA ASP A 234 -13.02 -21.79 -1.45
C ASP A 234 -12.12 -22.26 -2.62
N VAL A 235 -12.49 -23.38 -3.26
CA VAL A 235 -11.73 -23.91 -4.39
C VAL A 235 -11.75 -22.95 -5.57
N GLY A 236 -12.82 -22.18 -5.70
CA GLY A 236 -12.95 -21.23 -6.78
C GLY A 236 -12.07 -20.00 -6.62
N PHE A 237 -12.15 -19.36 -5.46
CA PHE A 237 -11.35 -18.19 -5.13
C PHE A 237 -9.88 -18.56 -5.30
N ASN A 238 -9.50 -19.74 -4.78
CA ASN A 238 -8.08 -20.16 -4.79
C ASN A 238 -7.58 -20.64 -6.14
N ALA A 239 -8.44 -21.24 -6.95
CA ALA A 239 -8.04 -21.59 -8.31
C ALA A 239 -7.84 -20.32 -9.09
N ILE A 240 -8.78 -19.38 -8.96
CA ILE A 240 -8.64 -18.07 -9.62
C ILE A 240 -7.35 -17.34 -9.18
N LEU A 241 -7.08 -17.34 -7.88
CA LEU A 241 -5.84 -16.77 -7.34
C LEU A 241 -4.55 -17.44 -7.87
N GLN A 242 -4.54 -18.78 -7.98
CA GLN A 242 -3.38 -19.49 -8.54
C GLN A 242 -3.18 -19.05 -10.01
N ARG A 243 -4.27 -18.98 -10.74
CA ARG A 243 -4.20 -18.53 -12.12
C ARG A 243 -3.70 -17.08 -12.19
N ALA A 244 -4.26 -16.20 -11.35
CA ALA A 244 -3.82 -14.81 -11.32
C ALA A 244 -2.33 -14.69 -10.98
N ASN A 245 -1.89 -15.48 -10.02
CA ASN A 245 -0.47 -15.47 -9.63
C ASN A 245 0.43 -15.81 -10.81
N ARG A 246 0.08 -16.86 -11.54
CA ARG A 246 0.85 -17.26 -12.70
C ARG A 246 0.87 -16.16 -13.77
N ASP A 247 -0.24 -15.47 -13.95
CA ASP A 247 -0.30 -14.34 -14.91
C ASP A 247 0.43 -13.10 -14.39
N LEU A 248 0.37 -12.85 -13.08
CA LEU A 248 1.15 -11.74 -12.49
C LEU A 248 2.65 -11.98 -12.65
N TYR A 249 3.10 -13.24 -12.47
CA TYR A 249 4.49 -13.63 -12.74
C TYR A 249 4.91 -13.30 -14.19
N ALA A 250 4.04 -13.65 -15.15
CA ALA A 250 4.30 -13.38 -16.58
C ALA A 250 4.47 -11.89 -16.84
N LEU A 251 3.53 -11.11 -16.31
CA LEU A 251 3.63 -9.66 -16.39
C LEU A 251 4.96 -9.13 -15.89
N ALA A 252 5.37 -9.59 -14.72
CA ALA A 252 6.60 -9.17 -14.10
C ALA A 252 7.78 -9.40 -15.03
N VAL A 253 7.88 -10.61 -15.58
CA VAL A 253 9.01 -10.95 -16.43
C VAL A 253 8.95 -10.09 -17.70
N LEU A 254 7.75 -9.91 -18.25
CA LEU A 254 7.57 -9.12 -19.48
C LEU A 254 7.89 -7.68 -19.28
N LEU A 255 7.52 -7.15 -18.11
CA LEU A 255 7.80 -5.74 -17.76
C LEU A 255 9.20 -5.53 -17.17
N GLN A 256 9.91 -6.61 -16.90
CA GLN A 256 11.20 -6.54 -16.20
C GLN A 256 11.07 -5.95 -14.79
N GLU A 257 9.99 -6.30 -14.10
CA GLU A 257 9.79 -5.95 -12.67
C GLU A 257 10.27 -7.10 -11.83
N ASP A 258 10.72 -6.75 -10.64
CA ASP A 258 11.11 -7.71 -9.64
C ASP A 258 9.88 -8.51 -9.29
N PRO A 259 9.89 -9.83 -9.56
CA PRO A 259 8.71 -10.62 -9.20
C PRO A 259 8.59 -10.87 -7.70
N TYR A 260 9.56 -10.45 -6.89
CA TYR A 260 9.51 -10.60 -5.45
C TYR A 260 9.05 -12.02 -5.08
N GLU A 261 8.00 -12.16 -4.26
CA GLU A 261 7.61 -13.47 -3.72
C GLU A 261 6.51 -14.15 -4.55
N ILE A 262 6.30 -13.73 -5.79
CA ILE A 262 5.23 -14.30 -6.60
C ILE A 262 5.47 -15.79 -6.84
N GLU A 263 6.71 -16.17 -7.15
CA GLU A 263 7.10 -17.57 -7.36
C GLU A 263 6.71 -18.43 -6.18
N GLU A 264 6.99 -17.91 -4.99
CA GLU A 264 6.62 -18.50 -3.72
C GLU A 264 5.10 -18.71 -3.61
N TRP A 265 4.34 -17.70 -3.96
CA TRP A 265 2.90 -17.85 -3.97
C TRP A 265 2.48 -18.99 -4.91
N ILE A 266 3.08 -19.04 -6.09
CA ILE A 266 2.73 -20.01 -7.10
C ILE A 266 3.03 -21.46 -6.68
N VAL A 267 4.24 -21.67 -6.16
CA VAL A 267 4.72 -22.98 -5.75
C VAL A 267 3.94 -23.52 -4.55
N ARG A 268 3.79 -22.70 -3.53
CA ARG A 268 3.00 -23.04 -2.36
C ARG A 268 1.49 -23.16 -2.71
N GLY A 269 1.00 -22.32 -3.62
CA GLY A 269 -0.39 -22.37 -4.04
C GLY A 269 -0.73 -23.64 -4.78
N GLU A 270 0.23 -24.17 -5.51
CA GLU A 270 0.02 -25.37 -6.29
C GLU A 270 -0.09 -26.61 -5.39
N VAL A 271 0.73 -26.68 -4.36
CA VAL A 271 0.60 -27.72 -3.37
C VAL A 271 -0.78 -27.61 -2.74
N GLY A 272 -1.17 -26.40 -2.37
CA GLY A 272 -2.46 -26.19 -1.68
C GLY A 272 -3.68 -26.54 -2.53
N LEU A 273 -3.71 -26.06 -3.77
CA LEU A 273 -4.87 -26.25 -4.62
C LEU A 273 -5.09 -27.74 -4.92
N GLU A 274 -4.00 -28.46 -5.09
CA GLU A 274 -4.12 -29.90 -5.37
C GLU A 274 -4.46 -30.74 -4.14
N ALA A 275 -4.25 -30.19 -2.95
CA ALA A 275 -4.70 -30.84 -1.71
C ALA A 275 -6.22 -30.89 -1.62
N LEU A 276 -6.91 -29.92 -2.24
CA LEU A 276 -8.40 -29.86 -2.26
C LEU A 276 -9.08 -30.98 -3.03
N TRP A 277 -8.29 -31.80 -3.72
CA TRP A 277 -8.81 -32.91 -4.50
C TRP A 277 -9.18 -34.05 -3.56
N ASP A 278 -10.38 -34.58 -3.74
CA ASP A 278 -10.87 -35.73 -3.02
C ASP A 278 -10.86 -36.91 -3.99
N ARG A 279 -10.01 -37.88 -3.70
CA ARG A 279 -9.82 -39.05 -4.56
C ARG A 279 -11.01 -40.02 -4.57
N GLU A 280 -11.72 -40.16 -3.46
CA GLU A 280 -12.95 -40.97 -3.41
C GLU A 280 -14.05 -40.40 -4.31
N ALA A 281 -14.29 -39.10 -4.23
CA ALA A 281 -15.36 -38.45 -4.97
C ALA A 281 -14.96 -38.09 -6.42
N GLY A 282 -13.66 -38.05 -6.69
CA GLY A 282 -13.14 -37.64 -7.99
C GLY A 282 -13.44 -36.19 -8.32
N PHE A 283 -13.22 -35.31 -7.36
CA PHE A 283 -13.63 -33.91 -7.51
C PHE A 283 -12.84 -33.03 -6.56
N TYR A 284 -12.81 -31.73 -6.85
CA TYR A 284 -12.23 -30.71 -5.96
C TYR A 284 -13.32 -30.09 -5.06
N PHE A 285 -13.10 -30.15 -3.74
CA PHE A 285 -13.98 -29.53 -2.75
C PHE A 285 -13.38 -28.32 -2.02
N SER A 286 -14.26 -27.36 -1.71
CA SER A 286 -13.89 -26.30 -0.79
C SER A 286 -13.81 -26.92 0.60
N TRP A 287 -13.06 -26.28 1.48
CA TRP A 287 -12.85 -26.79 2.82
C TRP A 287 -13.41 -25.84 3.90
N ASP A 288 -14.08 -26.43 4.88
CA ASP A 288 -14.65 -25.70 6.04
C ASP A 288 -13.61 -25.79 7.18
N LEU A 289 -12.93 -24.69 7.49
CA LEU A 289 -11.88 -24.72 8.51
C LEU A 289 -12.42 -24.59 9.94
N VAL A 290 -13.66 -24.15 10.07
CA VAL A 290 -14.31 -24.08 11.38
C VAL A 290 -14.58 -25.53 11.84
N ALA A 291 -15.20 -26.32 10.96
CA ALA A 291 -15.41 -27.76 11.21
C ALA A 291 -14.13 -28.59 11.03
N GLY A 292 -13.18 -28.06 10.27
CA GLY A 292 -11.94 -28.80 9.94
C GLY A 292 -12.14 -29.96 8.97
N GLU A 293 -13.05 -29.78 8.01
CA GLU A 293 -13.42 -30.85 7.07
C GLU A 293 -13.57 -30.35 5.64
N PRO A 294 -13.29 -31.24 4.68
CA PRO A 294 -13.82 -30.97 3.35
C PRO A 294 -15.37 -30.82 3.32
N ILE A 295 -15.87 -29.91 2.50
CA ILE A 295 -17.28 -29.78 2.22
C ILE A 295 -17.59 -30.64 0.99
N ALA A 296 -18.17 -31.80 1.22
CA ALA A 296 -18.40 -32.75 0.13
C ALA A 296 -19.61 -32.33 -0.73
N VAL A 297 -19.46 -31.26 -1.50
CA VAL A 297 -20.51 -30.74 -2.37
C VAL A 297 -19.83 -30.36 -3.68
N LYS A 298 -20.23 -31.04 -4.77
CA LYS A 298 -19.67 -30.81 -6.10
C LYS A 298 -20.38 -29.64 -6.76
N THR A 299 -19.71 -28.49 -6.83
CA THR A 299 -20.21 -27.31 -7.52
C THR A 299 -19.32 -27.03 -8.68
N SER A 300 -19.69 -26.06 -9.50
CA SER A 300 -18.93 -25.77 -10.68
C SER A 300 -17.63 -25.03 -10.38
N ALA A 301 -17.47 -24.54 -9.15
CA ALA A 301 -16.19 -23.98 -8.71
C ALA A 301 -15.09 -25.08 -8.65
N GLY A 302 -15.50 -26.30 -8.41
CA GLY A 302 -14.61 -27.46 -8.41
C GLY A 302 -13.98 -27.81 -9.74
N PHE A 303 -14.46 -27.20 -10.82
CA PHE A 303 -13.80 -27.31 -12.12
C PHE A 303 -12.70 -26.26 -12.32
N LEU A 304 -12.70 -25.23 -11.48
CA LEU A 304 -11.84 -24.07 -11.72
C LEU A 304 -10.33 -24.34 -11.61
N PRO A 305 -9.89 -25.42 -10.94
CA PRO A 305 -8.44 -25.69 -11.02
C PRO A 305 -7.92 -25.94 -12.46
N LEU A 306 -8.79 -26.31 -13.38
CA LEU A 306 -8.41 -26.45 -14.80
C LEU A 306 -8.00 -25.08 -15.35
N PHE A 307 -8.67 -24.04 -14.88
CA PHE A 307 -8.33 -22.66 -15.26
C PHE A 307 -6.94 -22.30 -14.69
N ALA A 308 -6.64 -22.79 -13.49
CA ALA A 308 -5.38 -22.58 -12.83
C ALA A 308 -4.20 -23.33 -13.48
N GLY A 309 -4.50 -24.45 -14.13
CA GLY A 309 -3.52 -25.28 -14.76
C GLY A 309 -2.72 -26.17 -13.83
N THR A 310 -3.19 -26.41 -12.62
CA THR A 310 -2.47 -27.28 -11.68
C THR A 310 -2.70 -28.79 -11.80
N PRO A 311 -3.90 -29.22 -12.21
CA PRO A 311 -4.09 -30.68 -12.26
C PRO A 311 -3.22 -31.38 -13.28
N HIS A 312 -2.86 -32.64 -13.01
CA HIS A 312 -2.36 -33.51 -14.10
C HIS A 312 -3.52 -33.97 -15.01
N GLN A 313 -3.21 -34.54 -16.17
CA GLN A 313 -4.21 -34.94 -17.17
C GLN A 313 -5.28 -35.92 -16.68
N GLY A 314 -4.88 -36.80 -15.77
CA GLY A 314 -5.76 -37.78 -15.15
C GLY A 314 -6.86 -37.21 -14.28
N ARG A 315 -6.56 -36.14 -13.55
CA ARG A 315 -7.59 -35.43 -12.82
C ARG A 315 -8.45 -34.62 -13.77
N ALA A 316 -7.84 -34.02 -14.77
CA ALA A 316 -8.64 -33.33 -15.78
C ALA A 316 -9.61 -34.30 -16.44
N SER A 317 -9.12 -35.52 -16.72
CA SER A 317 -9.92 -36.59 -17.32
C SER A 317 -11.19 -36.88 -16.50
N LEU A 318 -10.97 -37.10 -15.20
CA LEU A 318 -12.00 -37.40 -14.25
C LEU A 318 -13.00 -36.25 -14.15
N LEU A 319 -12.52 -35.03 -14.22
CA LEU A 319 -13.40 -33.85 -14.30
C LEU A 319 -14.17 -33.83 -15.62
N ALA A 320 -13.52 -34.24 -16.72
CA ALA A 320 -14.19 -34.29 -18.01
C ALA A 320 -15.35 -35.28 -17.95
N GLN A 321 -15.10 -36.44 -17.34
CA GLN A 321 -16.15 -37.43 -17.13
C GLN A 321 -17.27 -36.90 -16.23
N GLU A 322 -16.94 -36.15 -15.18
CA GLU A 322 -17.97 -35.55 -14.33
C GLU A 322 -18.84 -34.56 -15.08
N ALA A 323 -18.22 -33.71 -15.90
CA ALA A 323 -19.01 -32.71 -16.66
C ALA A 323 -19.96 -33.39 -17.64
N GLU A 324 -19.50 -34.49 -18.23
CA GLU A 324 -20.30 -35.22 -19.20
C GLU A 324 -21.51 -35.85 -18.48
N ARG A 325 -21.30 -36.41 -17.30
CA ARG A 325 -22.42 -36.88 -16.48
C ARG A 325 -23.44 -35.80 -16.15
N TRP A 326 -22.97 -34.62 -15.80
CA TRP A 326 -23.87 -33.51 -15.53
C TRP A 326 -24.66 -33.14 -16.79
N GLY A 327 -24.01 -33.27 -17.94
CA GLY A 327 -24.65 -33.07 -19.24
C GLY A 327 -25.73 -34.07 -19.62
N GLU A 328 -25.76 -35.23 -18.96
CA GLU A 328 -26.79 -36.26 -19.24
C GLU A 328 -28.13 -35.84 -18.66
N LYS A 329 -28.11 -35.00 -17.64
CA LYS A 329 -29.32 -34.45 -17.07
C LYS A 329 -29.53 -33.02 -17.59
N ALA A 330 -28.48 -32.21 -17.60
CA ALA A 330 -28.66 -30.80 -17.95
C ALA A 330 -28.59 -30.63 -19.44
N ARG A 331 -29.51 -29.86 -19.99
CA ARG A 331 -29.54 -29.57 -21.43
C ARG A 331 -28.42 -28.59 -21.75
N TYR A 332 -28.20 -27.62 -20.88
CA TYR A 332 -27.07 -26.73 -21.06
C TYR A 332 -25.96 -26.92 -20.00
N LEU A 333 -24.71 -27.03 -20.45
CA LEU A 333 -23.57 -27.00 -19.55
C LEU A 333 -23.15 -25.56 -19.36
N LEU A 334 -22.72 -25.15 -18.16
CA LEU A 334 -22.35 -26.01 -17.05
C LEU A 334 -23.17 -25.55 -15.84
N PRO A 335 -24.02 -26.43 -15.30
CA PRO A 335 -24.82 -26.01 -14.18
C PRO A 335 -23.92 -25.79 -12.98
N SER A 336 -24.29 -24.85 -12.11
CA SER A 336 -23.46 -24.49 -10.96
C SER A 336 -23.39 -25.59 -9.90
N VAL A 337 -24.30 -26.55 -9.95
CA VAL A 337 -24.21 -27.70 -9.05
C VAL A 337 -24.66 -28.98 -9.76
N ASP A 338 -24.01 -30.09 -9.45
CA ASP A 338 -24.37 -31.40 -9.95
C ASP A 338 -25.89 -31.46 -10.03
N PRO A 339 -26.46 -31.62 -11.23
CA PRO A 339 -27.91 -31.66 -11.31
C PRO A 339 -28.57 -32.82 -10.57
N THR A 340 -27.82 -33.87 -10.23
CA THR A 340 -28.36 -34.94 -9.38
C THR A 340 -28.23 -34.61 -7.87
N SER A 341 -27.68 -33.45 -7.52
CA SER A 341 -27.55 -33.07 -6.10
C SER A 341 -28.92 -32.82 -5.50
N PRO A 342 -29.14 -33.28 -4.25
CA PRO A 342 -30.41 -32.95 -3.57
C PRO A 342 -30.61 -31.44 -3.37
N PHE A 343 -29.54 -30.65 -3.42
CA PHE A 343 -29.61 -29.19 -3.31
C PHE A 343 -29.83 -28.49 -4.66
N PHE A 344 -29.82 -29.25 -5.75
CA PHE A 344 -30.03 -28.69 -7.11
C PHE A 344 -31.35 -27.89 -7.26
N GLU A 345 -31.26 -26.61 -7.61
CA GLU A 345 -32.41 -25.76 -7.83
C GLU A 345 -32.22 -25.01 -9.12
N PRO A 346 -32.90 -25.43 -10.20
CA PRO A 346 -32.47 -25.02 -11.54
C PRO A 346 -32.63 -23.53 -11.85
N GLY A 347 -33.35 -22.77 -11.00
CA GLY A 347 -33.52 -21.33 -11.15
C GLY A 347 -32.89 -20.45 -10.07
N ARG A 348 -32.43 -21.02 -8.96
CA ARG A 348 -32.01 -20.23 -7.77
C ARG A 348 -30.49 -19.97 -7.64
N TYR A 349 -30.02 -19.06 -8.50
CA TYR A 349 -28.74 -18.36 -8.33
C TYR A 349 -27.49 -19.24 -8.57
N TRP A 350 -26.81 -19.67 -7.51
CA TRP A 350 -25.60 -20.51 -7.64
C TRP A 350 -25.88 -21.94 -7.17
N ARG A 351 -27.15 -22.32 -7.12
CA ARG A 351 -27.53 -23.67 -6.72
C ARG A 351 -28.01 -24.52 -7.91
N GLY A 352 -27.57 -24.18 -9.12
CA GLY A 352 -27.94 -24.94 -10.30
C GLY A 352 -27.83 -24.24 -11.63
N PRO A 353 -28.23 -22.96 -11.70
CA PRO A 353 -28.17 -22.26 -12.97
C PRO A 353 -26.80 -22.24 -13.64
N VAL A 354 -26.82 -22.06 -14.95
CA VAL A 354 -25.63 -21.93 -15.75
C VAL A 354 -25.19 -20.46 -15.77
N TRP A 355 -23.88 -20.24 -15.66
CA TRP A 355 -23.30 -18.93 -15.61
C TRP A 355 -22.29 -18.78 -16.71
N ILE A 356 -22.25 -17.62 -17.34
CA ILE A 356 -21.44 -17.40 -18.53
C ILE A 356 -19.94 -17.25 -18.23
N ASN A 357 -19.62 -16.64 -17.10
CA ASN A 357 -18.23 -16.45 -16.71
C ASN A 357 -17.54 -17.76 -16.31
N VAL A 358 -18.26 -18.62 -15.58
CA VAL A 358 -17.76 -19.94 -15.20
C VAL A 358 -17.66 -20.85 -16.41
N ASN A 359 -18.67 -20.81 -17.29
CA ASN A 359 -18.54 -21.51 -18.59
C ASN A 359 -17.23 -21.16 -19.32
N TRP A 360 -16.89 -19.88 -19.32
CA TRP A 360 -15.74 -19.40 -20.11
C TRP A 360 -14.45 -19.89 -19.47
N MET A 361 -14.36 -19.74 -18.16
CA MET A 361 -13.20 -20.19 -17.41
C MET A 361 -13.01 -21.69 -17.52
N VAL A 362 -14.07 -22.46 -17.32
CA VAL A 362 -13.94 -23.92 -17.32
C VAL A 362 -13.60 -24.45 -18.73
N ALA A 363 -14.12 -23.76 -19.75
CA ALA A 363 -13.85 -24.09 -21.14
C ALA A 363 -12.39 -23.84 -21.49
N GLU A 364 -11.91 -22.66 -21.14
CA GLU A 364 -10.51 -22.32 -21.32
C GLU A 364 -9.65 -23.39 -20.70
N GLY A 365 -10.01 -23.76 -19.48
CA GLY A 365 -9.36 -24.84 -18.75
C GLY A 365 -9.34 -26.20 -19.45
N PHE A 366 -10.49 -26.65 -19.93
CA PHE A 366 -10.55 -27.94 -20.64
C PHE A 366 -9.81 -27.92 -21.96
N ARG A 367 -9.85 -26.78 -22.63
CA ARG A 367 -9.11 -26.61 -23.88
C ARG A 367 -7.63 -26.88 -23.61
N ASP A 368 -7.12 -26.34 -22.52
CA ASP A 368 -5.69 -26.40 -22.18
C ASP A 368 -5.25 -27.84 -21.95
N TYR A 369 -6.18 -28.66 -21.51
CA TYR A 369 -5.94 -30.07 -21.22
C TYR A 369 -6.33 -31.02 -22.33
N GLY A 370 -6.71 -30.49 -23.50
CA GLY A 370 -6.93 -31.28 -24.68
C GLY A 370 -8.36 -31.72 -24.88
N PHE A 371 -9.27 -31.24 -24.05
CA PHE A 371 -10.66 -31.66 -24.15
C PHE A 371 -11.39 -30.67 -25.05
N ALA A 372 -11.06 -30.72 -26.36
CA ALA A 372 -11.55 -29.71 -27.30
C ALA A 372 -13.06 -29.75 -27.46
N ALA A 373 -13.62 -30.95 -27.52
CA ALA A 373 -15.05 -31.14 -27.72
C ALA A 373 -15.86 -30.62 -26.56
N LEU A 374 -15.41 -30.89 -25.35
CA LEU A 374 -16.12 -30.40 -24.17
C LEU A 374 -16.04 -28.87 -24.08
N ALA A 375 -14.85 -28.32 -24.34
CA ALA A 375 -14.66 -26.87 -24.32
C ALA A 375 -15.55 -26.16 -25.36
N ALA A 376 -15.69 -26.78 -26.54
CA ALA A 376 -16.54 -26.26 -27.62
C ALA A 376 -18.03 -26.34 -27.28
N ARG A 377 -18.40 -27.34 -26.48
CA ARG A 377 -19.76 -27.53 -25.98
C ARG A 377 -20.14 -26.45 -24.97
N LEU A 378 -19.19 -26.12 -24.11
CA LEU A 378 -19.38 -25.09 -23.13
C LEU A 378 -19.57 -23.73 -23.78
N LYS A 379 -18.80 -23.48 -24.84
CA LYS A 379 -18.90 -22.24 -25.61
C LYS A 379 -20.23 -22.17 -26.39
N ALA A 380 -20.55 -23.25 -27.10
CA ALA A 380 -21.75 -23.31 -27.90
C ALA A 380 -22.97 -23.14 -26.98
N ASP A 381 -22.93 -23.78 -25.81
CA ASP A 381 -24.04 -23.67 -24.87
C ASP A 381 -24.21 -22.24 -24.36
N ALA A 382 -23.09 -21.61 -24.02
CA ALA A 382 -23.11 -20.23 -23.56
C ALA A 382 -23.72 -19.32 -24.62
N LEU A 383 -23.25 -19.45 -25.86
CA LEU A 383 -23.66 -18.55 -26.95
C LEU A 383 -25.12 -18.76 -27.33
N ALA A 384 -25.57 -20.03 -27.31
CA ALA A 384 -26.94 -20.36 -27.62
C ALA A 384 -27.89 -19.83 -26.55
N LEU A 385 -27.50 -19.97 -25.28
CA LEU A 385 -28.31 -19.44 -24.17
C LEU A 385 -28.53 -17.94 -24.32
N MET A 386 -27.46 -17.25 -24.74
CA MET A 386 -27.50 -15.80 -24.94
C MET A 386 -28.19 -15.42 -26.25
N GLU A 387 -28.13 -16.28 -27.27
CA GLU A 387 -28.90 -16.03 -28.52
C GLU A 387 -30.41 -16.02 -28.26
N ARG A 388 -30.87 -16.96 -27.47
CA ARG A 388 -32.29 -17.19 -27.26
C ARG A 388 -32.94 -16.38 -26.13
N GLU A 389 -32.22 -16.12 -25.03
CA GLU A 389 -32.79 -15.38 -23.91
C GLU A 389 -32.13 -14.02 -23.57
N GLY A 390 -31.29 -13.49 -24.44
CA GLY A 390 -30.57 -12.27 -24.15
C GLY A 390 -29.47 -12.50 -23.12
N PHE A 391 -29.01 -11.41 -22.51
CA PHE A 391 -27.88 -11.43 -21.59
C PHE A 391 -28.37 -11.38 -20.16
N ARG A 392 -28.53 -12.55 -19.57
CA ARG A 392 -29.05 -12.66 -18.23
C ARG A 392 -27.93 -13.09 -17.27
N GLU A 393 -28.19 -12.92 -15.98
CA GLU A 393 -27.20 -13.24 -14.96
C GLU A 393 -26.86 -14.73 -15.01
N TYR A 394 -27.88 -15.58 -15.04
CA TYR A 394 -27.71 -17.03 -15.13
C TYR A 394 -28.85 -17.64 -15.95
N TYR A 395 -28.78 -18.94 -16.21
CA TYR A 395 -29.82 -19.62 -16.99
C TYR A 395 -30.18 -21.00 -16.46
N ASP A 396 -31.45 -21.36 -16.62
CA ASP A 396 -31.93 -22.69 -16.32
C ASP A 396 -31.16 -23.72 -17.17
N PRO A 397 -30.54 -24.71 -16.52
CA PRO A 397 -29.81 -25.72 -17.31
C PRO A 397 -30.71 -26.74 -17.99
N LEU A 398 -31.96 -26.85 -17.53
CA LEU A 398 -32.92 -27.80 -18.08
C LEU A 398 -33.65 -27.16 -19.25
N THR A 399 -34.11 -25.92 -19.06
CA THR A 399 -34.96 -25.23 -20.05
C THR A 399 -34.26 -24.14 -20.82
N GLY A 400 -33.14 -23.61 -20.30
CA GLY A 400 -32.45 -22.49 -20.95
C GLY A 400 -33.07 -21.13 -20.66
N GLN A 401 -34.13 -21.10 -19.86
CA GLN A 401 -34.81 -19.85 -19.49
C GLN A 401 -33.87 -18.88 -18.76
N GLY A 402 -33.86 -17.63 -19.19
CA GLY A 402 -33.09 -16.56 -18.54
C GLY A 402 -33.53 -16.38 -17.10
N ARG A 403 -32.56 -16.10 -16.24
CA ARG A 403 -32.83 -15.91 -14.83
C ARG A 403 -32.03 -14.72 -14.29
N GLY A 404 -32.34 -14.28 -13.08
CA GLY A 404 -31.60 -13.22 -12.41
C GLY A 404 -31.59 -11.91 -13.18
N GLY A 405 -30.54 -11.13 -12.96
CA GLY A 405 -30.37 -9.83 -13.58
C GLY A 405 -30.60 -9.87 -15.08
N GLU A 406 -31.24 -8.81 -15.58
CA GLU A 406 -31.39 -8.58 -17.01
C GLU A 406 -30.34 -7.60 -17.44
N GLY A 407 -30.03 -7.57 -18.72
CA GLY A 407 -29.00 -6.70 -19.24
C GLY A 407 -27.69 -6.90 -18.49
N PHE A 408 -27.34 -8.17 -18.20
CA PHE A 408 -26.23 -8.49 -17.33
C PHE A 408 -24.87 -8.36 -18.02
N SER A 409 -24.09 -7.39 -17.55
CA SER A 409 -22.89 -6.91 -18.23
C SER A 409 -21.84 -7.97 -18.62
N TRP A 410 -21.49 -8.89 -17.72
CA TRP A 410 -20.40 -9.84 -18.07
C TRP A 410 -20.86 -10.91 -19.05
N SER A 411 -22.16 -11.16 -19.11
CA SER A 411 -22.69 -12.06 -20.12
C SER A 411 -22.41 -11.42 -21.51
N ALA A 412 -22.76 -10.15 -21.67
CA ALA A 412 -22.53 -9.43 -22.93
C ALA A 412 -21.04 -9.26 -23.22
N ALA A 413 -20.27 -8.96 -22.19
CA ALA A 413 -18.84 -8.83 -22.31
C ALA A 413 -18.19 -10.14 -22.76
N LEU A 414 -18.51 -11.25 -22.11
CA LEU A 414 -17.89 -12.53 -22.48
C LEU A 414 -18.39 -13.02 -23.84
N ALA A 415 -19.62 -12.71 -24.19
CA ALA A 415 -20.14 -13.00 -25.52
C ALA A 415 -19.30 -12.33 -26.61
N LEU A 416 -18.98 -11.05 -26.39
CA LEU A 416 -18.12 -10.30 -27.27
C LEU A 416 -16.71 -10.85 -27.25
N PHE A 417 -16.22 -11.19 -26.07
CA PHE A 417 -14.83 -11.66 -25.93
C PHE A 417 -14.63 -13.03 -26.59
N TRP A 418 -15.51 -13.95 -26.22
CA TRP A 418 -15.39 -15.36 -26.62
C TRP A 418 -15.61 -15.55 -28.15
N THR A 419 -16.24 -14.58 -28.81
CA THR A 419 -16.42 -14.64 -30.26
C THR A 419 -15.50 -13.70 -30.98
N ARG A 420 -14.43 -13.26 -30.31
CA ARG A 420 -13.54 -12.28 -30.89
C ARG A 420 -12.80 -12.88 -32.07
N PRO B 3 8.81 32.00 30.68
CA PRO B 3 9.72 30.83 30.55
C PRO B 3 9.89 30.33 29.09
N LEU B 4 10.97 29.57 28.85
CA LEU B 4 11.26 29.03 27.53
C LEU B 4 10.09 28.20 27.05
N ARG B 5 9.50 27.44 27.97
CA ARG B 5 8.43 26.52 27.64
C ARG B 5 7.18 27.24 27.18
N THR B 6 6.76 28.27 27.91
CA THR B 6 5.61 29.08 27.50
C THR B 6 5.82 29.66 26.09
N LYS B 7 7.00 30.22 25.84
CA LYS B 7 7.32 30.73 24.48
C LYS B 7 7.36 29.65 23.39
N ALA B 8 7.83 28.45 23.75
CA ALA B 8 7.83 27.31 22.84
C ALA B 8 6.42 26.91 22.39
N VAL B 9 5.50 26.77 23.35
CA VAL B 9 4.11 26.45 23.05
C VAL B 9 3.48 27.43 22.03
N GLU B 10 3.75 28.72 22.18
CA GLU B 10 3.18 29.74 21.31
C GLU B 10 3.64 29.61 19.85
N VAL B 11 4.88 29.19 19.63
CA VAL B 11 5.35 28.92 18.25
C VAL B 11 4.60 27.75 17.62
N LEU B 12 4.39 26.69 18.41
CA LEU B 12 3.63 25.53 17.92
C LEU B 12 2.20 25.91 17.58
N GLN B 13 1.60 26.73 18.45
CA GLN B 13 0.23 27.19 18.19
C GLN B 13 0.16 28.20 17.03
N ARG B 14 1.13 29.11 16.92
CA ARG B 14 1.17 30.02 15.75
C ARG B 14 1.39 29.24 14.45
N ASN B 15 2.24 28.22 14.50
CA ASN B 15 2.58 27.45 13.30
C ASN B 15 1.59 26.28 12.97
N SER B 16 0.70 25.95 13.93
CA SER B 16 -0.37 24.96 13.71
C SER B 16 -1.34 25.41 12.62
N ARG B 17 -1.62 24.51 11.67
CA ARG B 17 -2.68 24.68 10.69
C ARG B 17 -3.77 23.61 10.96
N GLY B 18 -3.99 23.26 12.23
CA GLY B 18 -5.06 22.32 12.60
C GLY B 18 -4.68 20.84 12.56
N ALA B 19 -4.42 20.33 11.35
CA ALA B 19 -4.00 18.92 11.16
C ALA B 19 -2.48 18.71 11.13
N PHE B 20 -1.76 19.76 10.73
CA PHE B 20 -0.31 19.74 10.78
C PHE B 20 0.27 21.07 11.28
N THR B 21 1.59 21.08 11.49
CA THR B 21 2.31 22.25 11.95
C THR B 21 3.35 22.58 10.87
N VAL B 22 3.39 23.83 10.40
CA VAL B 22 4.39 24.20 9.42
C VAL B 22 5.75 24.38 10.13
N PRO B 23 6.85 24.06 9.43
CA PRO B 23 8.18 24.33 10.00
C PRO B 23 8.45 25.80 10.29
N ALA B 24 7.96 26.68 9.41
CA ALA B 24 8.08 28.13 9.59
C ALA B 24 7.09 28.85 8.67
N HIS B 25 6.39 29.83 9.24
CA HIS B 25 5.44 30.65 8.51
C HIS B 25 6.09 31.24 7.25
N GLY B 26 5.45 31.08 6.10
CA GLY B 26 5.97 31.68 4.87
C GLY B 26 7.16 30.96 4.26
N LEU B 27 8.27 30.89 5.00
CA LEU B 27 9.46 30.16 4.54
C LEU B 27 9.09 28.70 4.17
N TYR B 28 8.35 28.03 5.06
CA TYR B 28 7.99 26.62 4.90
C TYR B 28 6.49 26.47 5.16
N PRO B 29 5.65 26.88 4.19
CA PRO B 29 4.20 26.95 4.38
C PRO B 29 3.43 25.64 4.10
N TYR B 30 4.04 24.49 4.37
CA TYR B 30 3.46 23.18 4.00
C TYR B 30 3.84 22.16 5.09
N GLN B 31 3.34 20.94 5.00
CA GLN B 31 3.80 19.90 5.93
C GLN B 31 5.08 19.24 5.45
N TRP B 32 6.11 19.25 6.30
CA TRP B 32 7.33 18.48 6.06
C TRP B 32 7.33 17.18 6.90
N LEU B 33 7.96 16.14 6.34
CA LEU B 33 7.94 14.79 6.92
C LEU B 33 8.65 14.69 8.28
N TRP B 34 9.97 14.89 8.33
CA TRP B 34 10.66 14.73 9.62
C TRP B 34 10.45 15.90 10.52
N ASP B 35 10.16 17.08 9.95
CA ASP B 35 9.76 18.22 10.75
C ASP B 35 8.56 17.76 11.57
N SER B 36 7.56 17.17 10.95
CA SER B 36 6.33 16.78 11.67
C SER B 36 6.51 15.70 12.77
N ALA B 37 7.52 14.82 12.64
CA ALA B 37 7.73 13.76 13.63
C ALA B 37 8.29 14.33 14.94
N PHE B 38 9.33 15.16 14.83
CA PHE B 38 9.91 15.85 16.01
C PHE B 38 8.88 16.77 16.64
N ILE B 39 8.11 17.46 15.80
CA ILE B 39 7.11 18.44 16.26
C ILE B 39 6.06 17.69 17.06
N ALA B 40 5.74 16.47 16.65
CA ALA B 40 4.80 15.65 17.42
C ALA B 40 5.25 15.44 18.85
N LEU B 41 6.56 15.26 19.08
CA LEU B 41 7.08 15.06 20.46
C LEU B 41 6.82 16.30 21.32
N GLY B 42 6.96 17.49 20.74
CA GLY B 42 6.62 18.74 21.41
C GLY B 42 5.16 18.82 21.81
N TRP B 43 4.26 18.47 20.88
CA TRP B 43 2.81 18.48 21.17
C TRP B 43 2.42 17.56 22.32
N THR B 44 3.25 16.56 22.62
CA THR B 44 3.00 15.70 23.79
C THR B 44 3.00 16.46 25.11
N GLN B 45 3.65 17.64 25.10
CA GLN B 45 3.68 18.55 26.26
C GLN B 45 2.57 19.61 26.29
N VAL B 46 1.67 19.56 25.31
CA VAL B 46 0.56 20.51 25.19
C VAL B 46 -0.79 19.77 25.13
N ASP B 47 -0.88 18.77 24.24
CA ASP B 47 -2.11 18.00 24.02
C ASP B 47 -1.79 16.73 23.20
N TRP B 48 -1.97 15.56 23.82
CA TRP B 48 -1.60 14.29 23.18
C TRP B 48 -2.41 13.95 21.90
N GLU B 49 -3.69 14.32 21.90
CA GLU B 49 -4.58 14.08 20.76
C GLU B 49 -3.99 14.71 19.51
N ARG B 50 -3.57 15.95 19.69
CA ARG B 50 -3.01 16.77 18.63
C ARG B 50 -1.60 16.29 18.23
N ALA B 51 -0.88 15.67 19.17
CA ALA B 51 0.42 15.04 18.89
C ALA B 51 0.28 13.87 17.89
N TRP B 52 -0.59 12.93 18.23
CA TRP B 52 -1.00 11.86 17.30
C TRP B 52 -1.48 12.41 15.95
N GLN B 53 -2.38 13.39 16.00
CA GLN B 53 -2.96 13.98 14.81
C GLN B 53 -1.90 14.43 13.82
N GLU B 54 -0.82 15.04 14.31
CA GLU B 54 0.27 15.46 13.42
C GLU B 54 0.69 14.31 12.49
N LEU B 55 0.73 13.10 13.05
CA LEU B 55 1.22 11.93 12.32
C LEU B 55 0.15 11.33 11.42
N LEU B 56 -1.05 11.19 11.94
CA LEU B 56 -2.20 10.77 11.13
C LEU B 56 -2.31 11.61 9.86
N CYS B 57 -2.25 12.93 9.99
CA CYS B 57 -2.34 13.82 8.84
C CYS B 57 -1.23 13.54 7.84
N LEU B 58 -0.03 13.32 8.36
CA LEU B 58 1.11 13.04 7.52
C LEU B 58 0.88 11.77 6.65
N PHE B 59 0.30 10.73 7.25
CA PHE B 59 0.05 9.47 6.53
C PHE B 59 -1.16 9.57 5.61
N ASP B 60 -2.28 9.98 6.19
CA ASP B 60 -3.56 10.07 5.48
C ASP B 60 -3.54 10.94 4.24
N TYR B 61 -2.84 12.07 4.28
CA TYR B 61 -2.73 12.95 3.12
C TYR B 61 -1.44 12.82 2.36
N GLY B 62 -0.41 12.30 3.01
CA GLY B 62 0.89 12.22 2.36
C GLY B 62 1.11 10.89 1.69
N GLN B 63 0.71 9.79 2.36
CA GLN B 63 1.12 8.44 1.97
C GLN B 63 0.34 7.92 0.78
N GLY B 64 1.08 7.65 -0.28
CA GLY B 64 0.49 7.13 -1.52
C GLY B 64 0.13 5.66 -1.38
N PRO B 65 -0.43 5.07 -2.44
CA PRO B 65 -0.85 3.67 -2.41
C PRO B 65 0.32 2.71 -2.29
N ASP B 66 1.48 3.11 -2.81
CA ASP B 66 2.72 2.31 -2.72
C ASP B 66 3.44 2.34 -1.36
N GLY B 67 2.87 3.10 -0.41
CA GLY B 67 3.43 3.26 0.92
C GLY B 67 4.39 4.42 1.09
N MET B 68 4.81 5.06 0.00
CA MET B 68 5.77 6.17 0.07
C MET B 68 5.21 7.34 0.86
N LEU B 69 6.05 7.88 1.75
CA LEU B 69 5.77 9.08 2.51
C LEU B 69 6.69 10.18 1.95
N PRO B 70 6.10 11.21 1.32
CA PRO B 70 6.86 12.27 0.64
C PRO B 70 7.33 13.33 1.63
N HIS B 71 8.31 14.13 1.22
CA HIS B 71 8.96 15.07 2.15
C HIS B 71 8.18 16.35 2.38
N ILE B 72 7.34 16.72 1.42
CA ILE B 72 6.38 17.80 1.61
C ILE B 72 4.98 17.34 1.21
N VAL B 73 4.02 17.56 2.08
CA VAL B 73 2.61 17.47 1.71
C VAL B 73 2.14 18.90 1.44
N PHE B 74 1.85 19.20 0.17
CA PHE B 74 1.45 20.55 -0.25
C PHE B 74 -0.03 20.82 0.05
N HIS B 75 -0.39 20.89 1.33
CA HIS B 75 -1.80 21.02 1.71
C HIS B 75 -2.56 22.22 1.08
N GLU B 76 -2.04 23.45 1.22
CA GLU B 76 -2.74 24.66 0.74
C GLU B 76 -1.87 25.47 -0.18
N GLN B 77 -2.48 25.99 -1.24
CA GLN B 77 -1.82 26.88 -2.18
C GLN B 77 -0.98 27.93 -1.44
N SER B 78 0.17 28.28 -2.00
CA SER B 78 0.97 29.39 -1.51
C SER B 78 1.99 29.76 -2.59
N ARG B 79 2.35 31.05 -2.67
CA ARG B 79 3.39 31.50 -3.60
C ARG B 79 4.63 31.92 -2.82
N ASP B 80 4.70 31.51 -1.55
CA ASP B 80 5.85 31.77 -0.66
C ASP B 80 7.01 30.75 -0.75
N TYR B 81 6.74 29.58 -1.35
CA TYR B 81 7.73 28.51 -1.43
C TYR B 81 7.98 28.00 -2.83
N PHE B 82 9.25 27.86 -3.18
CA PHE B 82 9.66 27.23 -4.41
C PHE B 82 10.76 26.19 -4.11
N PRO B 83 10.63 24.98 -4.69
CA PRO B 83 9.61 24.58 -5.67
C PRO B 83 8.33 24.04 -5.06
N GLY B 84 7.19 24.63 -5.44
CA GLY B 84 5.86 24.24 -4.96
C GLY B 84 5.20 23.19 -5.85
N PRO B 85 3.92 22.81 -5.53
CA PRO B 85 3.33 21.61 -6.15
C PRO B 85 3.45 21.51 -7.68
N ASP B 86 3.25 22.61 -8.39
CA ASP B 86 3.17 22.56 -9.85
C ASP B 86 4.57 22.41 -10.48
N PRO B 96 -4.13 15.72 -1.70
CA PRO B 96 -3.43 16.97 -2.00
C PRO B 96 -2.07 16.69 -2.62
N ALA B 97 -1.56 17.63 -3.42
CA ALA B 97 -0.28 17.39 -4.11
C ALA B 97 0.84 17.15 -3.08
N THR B 98 1.86 16.40 -3.49
CA THR B 98 3.00 16.12 -2.64
C THR B 98 4.27 16.21 -3.49
N SER B 99 5.41 16.23 -2.83
CA SER B 99 6.65 16.13 -3.55
C SER B 99 6.84 14.68 -3.96
N GLY B 100 7.84 14.43 -4.78
CA GLY B 100 8.11 13.10 -5.28
C GLY B 100 9.29 12.44 -4.61
N ILE B 101 9.78 13.04 -3.52
CA ILE B 101 10.93 12.51 -2.79
C ILE B 101 10.54 12.33 -1.32
N THR B 102 11.38 11.64 -0.56
CA THR B 102 11.06 11.33 0.85
C THR B 102 11.99 12.11 1.78
N GLN B 103 11.92 11.80 3.07
CA GLN B 103 12.81 12.40 4.08
C GLN B 103 13.18 11.40 5.18
N PRO B 104 14.10 11.78 6.09
CA PRO B 104 14.54 10.78 7.06
C PRO B 104 13.40 10.14 7.86
N PRO B 105 13.32 8.79 7.88
CA PRO B 105 12.16 8.09 8.45
C PRO B 105 12.20 7.98 9.96
N VAL B 106 12.24 9.13 10.63
CA VAL B 106 12.29 9.15 12.11
C VAL B 106 10.94 8.80 12.74
N VAL B 107 9.91 8.63 11.90
CA VAL B 107 8.53 8.52 12.39
C VAL B 107 8.24 7.36 13.33
N ALA B 108 8.70 6.15 13.01
CA ALA B 108 8.40 4.97 13.87
C ALA B 108 8.94 5.13 15.29
N THR B 109 10.08 5.80 15.41
CA THR B 109 10.66 6.08 16.71
C THR B 109 9.74 6.99 17.51
N VAL B 110 9.26 8.04 16.86
CA VAL B 110 8.31 8.96 17.48
C VAL B 110 7.03 8.21 17.81
N VAL B 111 6.54 7.39 16.87
CA VAL B 111 5.33 6.60 17.11
C VAL B 111 5.54 5.66 18.30
N ARG B 112 6.73 5.10 18.46
CA ARG B 112 6.98 4.22 19.62
C ARG B 112 6.88 4.97 20.97
N TYR B 113 7.47 6.16 21.04
CA TYR B 113 7.36 6.97 22.25
C TYR B 113 5.88 7.30 22.51
N LEU B 114 5.17 7.79 21.49
CA LEU B 114 3.77 8.15 21.68
C LEU B 114 3.02 6.95 22.21
N TYR B 115 3.17 5.80 21.57
CA TYR B 115 2.50 4.58 22.03
C TYR B 115 2.82 4.21 23.47
N GLU B 116 4.09 4.24 23.85
CA GLU B 116 4.50 3.78 25.20
C GLU B 116 4.01 4.72 26.31
N LYS B 117 3.96 6.01 26.02
CA LYS B 117 3.75 7.01 27.05
C LYS B 117 2.33 7.57 27.14
N ASP B 118 1.56 7.58 26.04
CA ASP B 118 0.21 8.18 26.03
C ASP B 118 -0.47 7.72 27.31
N PRO B 119 -0.97 8.66 28.13
CA PRO B 119 -1.72 8.25 29.33
C PRO B 119 -3.02 7.49 28.99
N ASP B 120 -3.60 7.78 27.82
CA ASP B 120 -4.85 7.15 27.37
C ASP B 120 -4.50 5.92 26.54
N ARG B 121 -4.58 4.76 27.19
CA ARG B 121 -4.07 3.52 26.64
C ARG B 121 -4.91 3.01 25.47
N ASP B 122 -6.22 3.30 25.50
CA ASP B 122 -7.09 2.94 24.39
C ASP B 122 -6.75 3.77 23.17
N ARG B 123 -6.53 5.07 23.35
CA ARG B 123 -6.03 5.91 22.24
C ARG B 123 -4.73 5.36 21.69
N ALA B 124 -3.78 5.15 22.58
CA ALA B 124 -2.46 4.61 22.23
C ALA B 124 -2.59 3.41 21.30
N ARG B 125 -3.37 2.41 21.71
CA ARG B 125 -3.49 1.19 20.92
C ARG B 125 -4.20 1.42 19.59
N GLU B 126 -5.25 2.23 19.57
CA GLU B 126 -5.96 2.54 18.33
C GLU B 126 -5.02 3.16 17.33
N ARG B 127 -4.29 4.19 17.76
CA ARG B 127 -3.42 4.94 16.87
C ARG B 127 -2.24 4.08 16.42
N ALA B 128 -1.72 3.24 17.30
CA ALA B 128 -0.52 2.44 16.98
C ALA B 128 -0.86 1.31 16.01
N ARG B 129 -1.98 0.63 16.26
CA ARG B 129 -2.50 -0.38 15.35
C ARG B 129 -2.88 0.21 14.00
N TYR B 130 -3.47 1.40 14.02
CA TYR B 130 -3.79 2.11 12.79
C TYR B 130 -2.52 2.50 12.05
N LEU B 131 -1.49 2.93 12.76
CA LEU B 131 -0.28 3.41 12.09
C LEU B 131 0.72 2.28 11.78
N PHE B 132 0.67 1.18 12.52
CA PHE B 132 1.69 0.11 12.33
C PHE B 132 1.83 -0.35 10.86
N PRO B 133 0.72 -0.82 10.23
CA PRO B 133 0.89 -1.31 8.84
C PRO B 133 1.27 -0.24 7.88
N LYS B 134 0.91 1.01 8.19
CA LYS B 134 1.30 2.16 7.34
C LYS B 134 2.78 2.44 7.44
N LEU B 135 3.31 2.28 8.65
CA LEU B 135 4.75 2.41 8.89
C LEU B 135 5.50 1.32 8.12
N LEU B 136 5.02 0.09 8.25
CA LEU B 136 5.61 -1.05 7.56
C LEU B 136 5.65 -0.88 6.02
N ALA B 137 4.57 -0.33 5.47
CA ALA B 137 4.48 -0.06 4.04
C ALA B 137 5.45 1.04 3.64
N PHE B 138 5.58 2.08 4.48
CA PHE B 138 6.57 3.12 4.20
C PHE B 138 7.99 2.55 4.14
N HIS B 139 8.37 1.82 5.18
CA HIS B 139 9.71 1.19 5.20
C HIS B 139 9.86 0.24 4.00
N ARG B 140 8.81 -0.48 3.64
CA ARG B 140 8.86 -1.39 2.46
C ARG B 140 9.13 -0.67 1.17
N TRP B 141 8.47 0.47 1.01
CA TRP B 141 8.72 1.33 -0.14
C TRP B 141 10.21 1.74 -0.16
N LEU B 142 10.76 2.09 1.00
CA LEU B 142 12.17 2.52 1.06
C LEU B 142 13.07 1.46 0.45
N TYR B 143 12.90 0.22 0.89
CA TYR B 143 13.77 -0.87 0.44
C TYR B 143 13.48 -1.26 -1.02
N HIS B 144 12.21 -1.22 -1.41
CA HIS B 144 11.78 -1.46 -2.79
C HIS B 144 12.39 -0.44 -3.74
N ALA B 145 12.15 0.85 -3.47
CA ALA B 145 12.63 1.96 -4.31
C ALA B 145 14.12 2.21 -4.19
N ARG B 146 14.66 2.11 -2.97
CA ARG B 146 16.03 2.61 -2.75
C ARG B 146 17.07 1.59 -2.35
N ASP B 147 16.71 0.31 -2.32
CA ASP B 147 17.69 -0.73 -2.00
C ASP B 147 17.47 -1.98 -2.86
N PRO B 148 17.60 -1.84 -4.20
CA PRO B 148 17.28 -2.95 -5.08
C PRO B 148 18.26 -4.09 -4.97
N TYR B 149 19.50 -3.82 -4.55
CA TYR B 149 20.49 -4.87 -4.34
C TYR B 149 20.41 -5.52 -2.94
N ARG B 150 19.45 -5.07 -2.13
CA ARG B 150 19.19 -5.66 -0.81
C ARG B 150 20.45 -5.60 0.08
N THR B 151 21.04 -4.39 0.15
CA THR B 151 22.25 -4.10 0.93
C THR B 151 21.97 -3.82 2.40
N GLY B 152 20.75 -3.42 2.72
CA GLY B 152 20.43 -2.96 4.06
C GLY B 152 20.55 -1.46 4.18
N LEU B 153 21.23 -0.82 3.23
CA LEU B 153 21.33 0.62 3.15
C LEU B 153 20.43 1.17 2.03
N VAL B 154 19.85 2.33 2.26
CA VAL B 154 18.98 2.98 1.28
C VAL B 154 19.67 4.23 0.75
N VAL B 155 19.52 4.48 -0.55
CA VAL B 155 20.04 5.70 -1.15
C VAL B 155 19.00 6.80 -1.14
N ILE B 156 19.50 8.00 -0.96
CA ILE B 156 18.74 9.18 -1.31
C ILE B 156 19.18 9.63 -2.71
N VAL B 157 18.23 10.10 -3.49
CA VAL B 157 18.50 10.50 -4.88
C VAL B 157 18.52 12.01 -5.04
N HIS B 158 18.28 12.70 -3.94
CA HIS B 158 18.26 14.16 -3.93
C HIS B 158 18.72 14.67 -2.55
N PRO B 159 19.62 15.68 -2.54
CA PRO B 159 20.10 16.14 -1.24
C PRO B 159 19.02 16.64 -0.25
N TRP B 160 17.85 17.07 -0.72
CA TRP B 160 16.72 17.39 0.18
C TRP B 160 16.16 16.21 1.00
N GLU B 161 16.41 15.00 0.52
CA GLU B 161 15.98 13.78 1.22
C GLU B 161 16.77 13.51 2.51
N SER B 162 17.97 14.06 2.60
CA SER B 162 18.78 13.96 3.82
C SER B 162 18.21 14.83 4.94
N GLY B 163 17.47 15.87 4.53
CA GLY B 163 17.00 16.87 5.47
C GLY B 163 18.04 17.94 5.73
N MET B 164 19.22 17.78 5.12
CA MET B 164 20.41 18.59 5.38
C MET B 164 20.94 19.06 4.04
N ASP B 165 20.21 20.02 3.48
CA ASP B 165 20.18 20.27 2.04
C ASP B 165 21.48 20.63 1.37
N ASN B 166 22.26 21.51 2.00
CA ASN B 166 23.53 21.95 1.39
C ASN B 166 24.76 21.47 2.17
N SER B 167 24.64 20.31 2.79
CA SER B 167 25.73 19.75 3.53
C SER B 167 26.95 19.67 2.61
N PRO B 168 28.12 20.05 3.11
CA PRO B 168 29.26 19.95 2.21
C PRO B 168 29.52 18.53 1.71
N ALA B 169 28.98 17.51 2.39
CA ALA B 169 29.09 16.14 1.90
C ALA B 169 28.48 15.97 0.51
N TRP B 170 27.43 16.72 0.19
CA TRP B 170 26.80 16.65 -1.15
C TRP B 170 27.52 17.42 -2.31
N ASP B 171 28.49 18.28 -2.02
CA ASP B 171 29.09 19.13 -3.08
C ASP B 171 29.60 18.34 -4.28
N LYS B 172 30.48 17.38 -4.04
CA LYS B 172 31.06 16.65 -5.15
C LYS B 172 30.00 15.79 -5.86
N PRO B 173 29.14 15.09 -5.09
CA PRO B 173 27.99 14.45 -5.75
C PRO B 173 27.19 15.40 -6.64
N LEU B 174 26.89 16.59 -6.13
CA LEU B 174 26.13 17.57 -6.90
C LEU B 174 26.87 18.13 -8.13
N SER B 175 28.19 18.27 -8.03
CA SER B 175 29.01 18.73 -9.17
C SER B 175 28.74 17.96 -10.46
N ARG B 176 28.30 16.71 -10.35
CA ARG B 176 27.99 15.88 -11.51
C ARG B 176 26.62 16.17 -12.13
N VAL B 177 25.73 16.88 -11.42
CA VAL B 177 24.37 17.09 -11.91
C VAL B 177 24.41 18.11 -13.05
N PRO B 178 23.93 17.73 -14.24
CA PRO B 178 23.94 18.68 -15.37
C PRO B 178 22.98 19.84 -15.19
N VAL B 179 23.41 21.04 -15.59
CA VAL B 179 22.62 22.26 -15.37
C VAL B 179 22.25 22.97 -16.69
N GLU B 180 21.92 22.20 -17.73
CA GLU B 180 21.64 22.73 -19.08
C GLU B 180 20.20 23.29 -19.20
N ASN B 181 20.08 24.53 -19.69
CA ASN B 181 18.80 25.10 -20.15
C ASN B 181 17.65 25.03 -19.15
N LEU B 182 17.95 25.45 -17.94
CA LEU B 182 16.99 25.46 -16.84
C LEU B 182 16.05 26.65 -17.04
N PRO B 183 14.77 26.51 -16.65
CA PRO B 183 13.91 27.69 -16.71
C PRO B 183 14.38 28.81 -15.79
N PRO B 184 14.00 30.05 -16.11
CA PRO B 184 14.08 30.97 -14.99
C PRO B 184 13.13 30.47 -13.88
N TYR B 185 13.62 30.47 -12.65
CA TYR B 185 12.75 30.16 -11.51
C TYR B 185 13.00 31.21 -10.47
N GLU B 186 12.04 31.33 -9.55
CA GLU B 186 12.26 32.17 -8.41
C GLU B 186 12.84 31.37 -7.24
N ARG B 187 13.71 32.05 -6.50
CA ARG B 187 14.23 31.61 -5.20
C ARG B 187 13.42 32.32 -4.09
N ARG B 188 12.30 31.75 -3.68
CA ARG B 188 11.40 32.47 -2.75
C ARG B 188 11.94 32.42 -1.32
N ASP B 189 12.73 31.39 -1.00
CA ASP B 189 13.37 31.29 0.33
C ASP B 189 14.17 32.56 0.77
N VAL B 190 14.91 33.15 -0.17
CA VAL B 190 15.72 34.32 0.11
C VAL B 190 14.87 35.57 0.38
N LYS B 191 13.55 35.50 0.18
CA LYS B 191 12.66 36.57 0.69
C LYS B 191 12.41 36.48 2.20
N HIS B 192 12.54 35.29 2.76
CA HIS B 192 12.34 35.09 4.20
C HIS B 192 13.64 34.96 5.02
N VAL B 193 14.78 34.78 4.34
CA VAL B 193 16.03 34.51 5.04
C VAL B 193 17.19 35.15 4.26
N ASN B 194 18.18 35.62 4.97
CA ASN B 194 19.36 36.15 4.29
C ASN B 194 19.91 35.12 3.31
N PRO B 195 20.24 35.54 2.08
CA PRO B 195 20.82 34.64 1.07
C PRO B 195 22.12 33.98 1.51
N GLU B 196 23.00 34.74 2.19
CA GLU B 196 24.23 34.18 2.75
C GLU B 196 23.96 33.03 3.75
N GLU B 197 22.76 32.95 4.32
CA GLU B 197 22.37 31.87 5.24
C GLU B 197 21.73 30.65 4.54
N ARG B 198 21.48 30.75 3.24
CA ARG B 198 20.77 29.74 2.44
C ARG B 198 21.71 29.13 1.39
N PRO B 199 21.24 28.11 0.65
CA PRO B 199 22.14 27.59 -0.40
C PRO B 199 22.37 28.60 -1.54
N ARG B 200 23.52 28.48 -2.19
CA ARG B 200 23.86 29.34 -3.32
C ARG B 200 23.10 28.89 -4.56
N LYS B 201 23.08 29.74 -5.59
CA LYS B 201 22.22 29.43 -6.74
C LYS B 201 22.73 28.21 -7.48
N GLU B 202 24.06 28.06 -7.53
CA GLU B 202 24.68 26.88 -8.15
C GLU B 202 24.11 25.61 -7.55
N ASP B 203 23.86 25.65 -6.24
CA ASP B 203 23.18 24.57 -5.54
C ASP B 203 21.77 24.41 -6.07
N TYR B 204 20.97 25.48 -6.06
CA TYR B 204 19.55 25.38 -6.47
C TYR B 204 19.31 24.97 -7.96
N ASP B 205 20.18 25.44 -8.85
CA ASP B 205 20.16 25.02 -10.25
C ASP B 205 20.24 23.50 -10.31
N ARG B 206 21.12 22.94 -9.48
CA ARG B 206 21.35 21.52 -9.43
C ARG B 206 20.23 20.79 -8.71
N TYR B 207 19.62 21.44 -7.71
CA TYR B 207 18.46 20.87 -7.03
C TYR B 207 17.34 20.71 -8.00
N LEU B 208 17.11 21.73 -8.82
CA LEU B 208 15.99 21.68 -9.79
C LEU B 208 16.26 20.78 -10.99
N SER B 209 17.50 20.75 -11.50
CA SER B 209 17.88 19.78 -12.55
C SER B 209 17.46 18.34 -12.14
N LEU B 210 17.76 17.96 -10.90
CA LEU B 210 17.31 16.66 -10.39
C LEU B 210 15.77 16.52 -10.36
N LEU B 211 15.06 17.50 -9.84
CA LEU B 211 13.60 17.39 -9.75
C LEU B 211 12.93 17.24 -11.15
N TYR B 212 13.47 17.94 -12.14
CA TYR B 212 12.95 17.83 -13.52
C TYR B 212 13.26 16.48 -14.15
N LEU B 213 14.39 15.87 -13.79
CA LEU B 213 14.68 14.53 -14.24
C LEU B 213 13.65 13.60 -13.64
N PHE B 214 13.34 13.79 -12.36
CA PHE B 214 12.35 12.94 -11.66
C PHE B 214 10.93 13.13 -12.19
N ARG B 215 10.53 14.37 -12.46
CA ARG B 215 9.21 14.63 -13.02
C ARG B 215 9.07 14.08 -14.45
N ARG B 216 10.13 14.21 -15.24
CA ARG B 216 10.20 13.63 -16.58
C ARG B 216 10.11 12.10 -16.59
N LEU B 217 10.72 11.46 -15.58
CA LEU B 217 10.64 10.01 -15.39
C LEU B 217 9.40 9.61 -14.58
N GLU B 218 8.45 10.53 -14.42
CA GLU B 218 7.14 10.29 -13.79
C GLU B 218 7.22 9.75 -12.35
N TYR B 219 8.27 10.13 -11.64
CA TYR B 219 8.49 9.69 -10.25
C TYR B 219 8.40 8.17 -10.12
N ASP B 220 8.93 7.49 -11.14
CA ASP B 220 8.99 6.05 -11.15
C ASP B 220 10.17 5.56 -10.32
N PRO B 221 9.89 4.88 -9.19
CA PRO B 221 11.01 4.45 -8.33
C PRO B 221 12.14 3.76 -9.09
N ARG B 222 11.80 2.85 -9.99
CA ARG B 222 12.82 2.09 -10.74
C ARG B 222 13.69 2.99 -11.61
N GLU B 223 13.08 3.86 -12.41
CA GLU B 223 13.85 4.76 -13.30
C GLU B 223 14.66 5.83 -12.57
N ILE B 224 14.06 6.40 -11.51
CA ILE B 224 14.76 7.40 -10.68
C ILE B 224 16.06 6.81 -10.18
N TYR B 225 16.01 5.57 -9.68
CA TYR B 225 17.19 4.92 -9.17
C TYR B 225 18.22 4.70 -10.28
N ARG B 226 17.75 4.27 -11.45
CA ARG B 226 18.68 3.94 -12.54
C ARG B 226 19.33 5.18 -13.16
N GLN B 227 18.59 6.28 -13.19
CA GLN B 227 19.03 7.42 -14.00
C GLN B 227 19.53 8.64 -13.22
N SER B 228 19.21 8.75 -11.92
CA SER B 228 19.65 9.92 -11.15
C SER B 228 21.17 10.06 -11.19
N PRO B 229 21.68 11.27 -11.53
CA PRO B 229 23.12 11.52 -11.46
C PRO B 229 23.60 11.71 -10.02
N PHE B 230 22.66 11.82 -9.07
CA PHE B 230 22.91 11.91 -7.62
C PHE B 230 22.35 10.66 -6.93
N LYS B 231 23.22 9.89 -6.31
CA LYS B 231 22.75 8.87 -5.37
C LYS B 231 23.80 8.56 -4.32
N VAL B 232 23.32 8.72 -3.10
CA VAL B 232 24.17 8.80 -1.95
C VAL B 232 23.57 7.94 -0.85
N VAL B 233 24.41 7.19 -0.18
CA VAL B 233 24.03 6.54 1.06
C VAL B 233 24.29 7.56 2.17
N ASP B 234 23.25 8.26 2.60
CA ASP B 234 23.36 9.25 3.66
C ASP B 234 23.42 8.57 5.04
N VAL B 235 24.46 8.89 5.81
CA VAL B 235 24.65 8.29 7.13
C VAL B 235 23.54 8.68 8.05
N GLY B 236 23.01 9.89 7.84
CA GLY B 236 21.91 10.38 8.68
C GLY B 236 20.59 9.69 8.46
N PHE B 237 20.19 9.61 7.19
CA PHE B 237 18.95 8.94 6.78
C PHE B 237 18.99 7.50 7.29
N ASN B 238 20.13 6.85 7.06
CA ASN B 238 20.27 5.43 7.41
C ASN B 238 20.42 5.13 8.92
N ALA B 239 21.02 6.04 9.67
CA ALA B 239 21.07 5.90 11.12
C ALA B 239 19.67 6.06 11.67
N ILE B 240 18.96 7.05 11.18
CA ILE B 240 17.57 7.25 11.59
C ILE B 240 16.69 6.05 11.22
N LEU B 241 16.87 5.50 10.00
CA LEU B 241 16.13 4.30 9.59
C LEU B 241 16.45 3.05 10.46
N GLN B 242 17.73 2.87 10.82
CA GLN B 242 18.10 1.74 11.69
C GLN B 242 17.42 1.90 13.06
N ARG B 243 17.40 3.12 13.58
CA ARG B 243 16.73 3.40 14.82
C ARG B 243 15.23 3.16 14.70
N ALA B 244 14.62 3.65 13.64
CA ALA B 244 13.18 3.46 13.39
C ALA B 244 12.81 1.99 13.24
N ASN B 245 13.65 1.25 12.53
CA ASN B 245 13.45 -0.19 12.37
C ASN B 245 13.41 -0.90 13.73
N ARG B 246 14.35 -0.58 14.59
CA ARG B 246 14.41 -1.19 15.92
C ARG B 246 13.17 -0.85 16.75
N ASP B 247 12.69 0.38 16.63
CA ASP B 247 11.48 0.81 17.33
C ASP B 247 10.22 0.23 16.71
N LEU B 248 10.19 0.08 15.39
CA LEU B 248 9.07 -0.60 14.74
C LEU B 248 8.98 -2.06 15.22
N TYR B 249 10.12 -2.74 15.32
CA TYR B 249 10.18 -4.11 15.85
C TYR B 249 9.56 -4.18 17.24
N ALA B 250 9.89 -3.22 18.10
CA ALA B 250 9.36 -3.17 19.47
C ALA B 250 7.83 -3.02 19.45
N LEU B 251 7.35 -2.07 18.67
CA LEU B 251 5.91 -1.90 18.46
C LEU B 251 5.21 -3.19 18.06
N ALA B 252 5.77 -3.89 17.07
CA ALA B 252 5.24 -5.15 16.59
C ALA B 252 5.10 -6.16 17.68
N VAL B 253 6.16 -6.36 18.45
CA VAL B 253 6.12 -7.32 19.52
C VAL B 253 5.09 -6.87 20.57
N LEU B 254 5.08 -5.57 20.88
CA LEU B 254 4.18 -5.04 21.91
C LEU B 254 2.72 -5.16 21.49
N LEU B 255 2.46 -4.93 20.21
CA LEU B 255 1.11 -5.00 19.66
C LEU B 255 0.70 -6.42 19.26
N GLN B 256 1.65 -7.37 19.32
CA GLN B 256 1.43 -8.75 18.86
C GLN B 256 1.11 -8.80 17.38
N GLU B 257 1.78 -7.95 16.60
CA GLU B 257 1.72 -8.00 15.15
C GLU B 257 2.88 -8.84 14.64
N ASP B 258 2.67 -9.48 13.51
CA ASP B 258 3.70 -10.19 12.78
C ASP B 258 4.76 -9.21 12.36
N PRO B 259 5.99 -9.37 12.87
CA PRO B 259 7.02 -8.41 12.50
C PRO B 259 7.55 -8.61 11.09
N TYR B 260 7.11 -9.68 10.42
CA TYR B 260 7.50 -9.93 9.02
C TYR B 260 9.03 -9.78 8.85
N GLU B 261 9.47 -8.95 7.91
CA GLU B 261 10.88 -8.84 7.57
C GLU B 261 11.59 -7.69 8.30
N ILE B 262 11.02 -7.18 9.40
CA ILE B 262 11.67 -6.08 10.13
C ILE B 262 13.05 -6.50 10.67
N GLU B 263 13.12 -7.71 11.25
CA GLU B 263 14.37 -8.26 11.77
C GLU B 263 15.48 -8.25 10.72
N GLU B 264 15.11 -8.68 9.52
CA GLU B 264 15.97 -8.64 8.34
C GLU B 264 16.48 -7.22 8.02
N TRP B 265 15.59 -6.26 8.04
CA TRP B 265 16.00 -4.87 7.89
C TRP B 265 17.02 -4.45 8.97
N ILE B 266 16.75 -4.82 10.20
CA ILE B 266 17.60 -4.45 11.33
C ILE B 266 19.01 -5.06 11.23
N VAL B 267 19.07 -6.35 10.97
CA VAL B 267 20.32 -7.09 10.90
C VAL B 267 21.19 -6.62 9.71
N ARG B 268 20.60 -6.52 8.54
CA ARG B 268 21.33 -6.00 7.39
C ARG B 268 21.66 -4.52 7.54
N GLY B 269 20.76 -3.76 8.13
CA GLY B 269 21.00 -2.34 8.35
C GLY B 269 22.17 -2.10 9.29
N GLU B 270 22.37 -3.00 10.24
CA GLU B 270 23.46 -2.84 11.19
C GLU B 270 24.83 -3.07 10.55
N VAL B 271 24.91 -4.08 9.70
CA VAL B 271 26.13 -4.35 8.94
C VAL B 271 26.39 -3.12 8.10
N GLY B 272 25.34 -2.63 7.45
CA GLY B 272 25.46 -1.50 6.56
C GLY B 272 25.90 -0.22 7.23
N LEU B 273 25.25 0.13 8.32
CA LEU B 273 25.53 1.40 8.97
C LEU B 273 26.98 1.44 9.48
N GLU B 274 27.47 0.31 9.96
CA GLU B 274 28.81 0.26 10.51
C GLU B 274 29.88 0.21 9.45
N ALA B 275 29.48 -0.14 8.23
CA ALA B 275 30.36 -0.06 7.07
C ALA B 275 30.72 1.38 6.71
N LEU B 276 29.82 2.31 7.01
CA LEU B 276 30.06 3.75 6.80
C LEU B 276 31.18 4.38 7.66
N TRP B 277 31.71 3.64 8.63
CA TRP B 277 32.77 4.13 9.49
C TRP B 277 34.10 4.08 8.75
N ASP B 278 34.81 5.21 8.81
CA ASP B 278 36.17 5.35 8.26
C ASP B 278 37.12 5.36 9.44
N ARG B 279 37.98 4.35 9.50
CA ARG B 279 38.90 4.15 10.62
C ARG B 279 40.06 5.14 10.64
N GLU B 280 40.56 5.56 9.47
CA GLU B 280 41.58 6.63 9.40
C GLU B 280 41.04 7.91 9.99
N ALA B 281 39.84 8.30 9.55
CA ALA B 281 39.30 9.60 9.92
C ALA B 281 38.61 9.61 11.27
N GLY B 282 38.28 8.42 11.78
CA GLY B 282 37.62 8.28 13.06
C GLY B 282 36.24 8.89 13.02
N PHE B 283 35.50 8.58 11.96
CA PHE B 283 34.19 9.19 11.78
C PHE B 283 33.33 8.39 10.81
N TYR B 284 32.01 8.65 10.83
CA TYR B 284 31.07 8.05 9.88
C TYR B 284 30.83 9.01 8.70
N PHE B 285 31.07 8.51 7.48
CA PHE B 285 30.80 9.27 6.23
C PHE B 285 29.62 8.73 5.43
N SER B 286 28.89 9.64 4.80
CA SER B 286 27.98 9.27 3.74
C SER B 286 28.78 8.81 2.53
N TRP B 287 28.14 7.99 1.69
CA TRP B 287 28.82 7.40 0.53
C TRP B 287 28.23 7.88 -0.80
N ASP B 288 29.10 8.17 -1.75
CA ASP B 288 28.73 8.55 -3.13
C ASP B 288 28.79 7.33 -4.03
N LEU B 289 27.63 6.80 -4.42
CA LEU B 289 27.60 5.55 -5.21
C LEU B 289 27.79 5.77 -6.72
N VAL B 290 27.61 7.01 -7.17
CA VAL B 290 27.88 7.38 -8.56
C VAL B 290 29.38 7.37 -8.79
N ALA B 291 30.15 8.02 -7.92
CA ALA B 291 31.62 7.92 -7.93
C ALA B 291 32.18 6.61 -7.37
N GLY B 292 31.38 5.94 -6.54
CA GLY B 292 31.82 4.71 -5.84
C GLY B 292 32.82 4.95 -4.72
N GLU B 293 32.66 6.06 -4.00
CA GLU B 293 33.63 6.48 -2.95
C GLU B 293 32.95 7.00 -1.67
N PRO B 294 33.59 6.79 -0.51
CA PRO B 294 33.17 7.52 0.65
C PRO B 294 33.35 9.00 0.37
N ILE B 295 32.42 9.79 0.87
CA ILE B 295 32.58 11.22 0.89
C ILE B 295 33.29 11.62 2.19
N ALA B 296 34.59 11.93 2.10
CA ALA B 296 35.39 12.25 3.28
C ALA B 296 35.13 13.65 3.84
N VAL B 297 33.93 13.85 4.39
CA VAL B 297 33.51 15.11 4.94
C VAL B 297 32.76 14.84 6.24
N LYS B 298 33.33 15.31 7.37
CA LYS B 298 32.76 15.07 8.70
C LYS B 298 31.68 16.08 8.97
N THR B 299 30.42 15.65 8.91
CA THR B 299 29.27 16.49 9.27
C THR B 299 28.58 15.93 10.51
N SER B 300 27.59 16.63 11.02
CA SER B 300 26.96 16.20 12.26
C SER B 300 25.99 15.02 12.08
N ALA B 301 25.67 14.68 10.84
CA ALA B 301 24.91 13.46 10.55
C ALA B 301 25.76 12.22 10.87
N GLY B 302 27.08 12.37 10.78
CA GLY B 302 28.01 11.35 11.18
C GLY B 302 27.99 10.96 12.66
N PHE B 303 27.29 11.74 13.49
CA PHE B 303 27.08 11.34 14.90
C PHE B 303 25.84 10.50 15.10
N LEU B 304 24.97 10.48 14.09
CA LEU B 304 23.65 9.87 14.24
C LEU B 304 23.61 8.36 14.43
N PRO B 305 24.68 7.63 14.05
CA PRO B 305 24.65 6.21 14.44
C PRO B 305 24.58 5.95 15.97
N LEU B 306 24.96 6.93 16.79
CA LEU B 306 24.78 6.81 18.25
C LEU B 306 23.31 6.72 18.57
N PHE B 307 22.51 7.44 17.80
CA PHE B 307 21.06 7.41 17.96
C PHE B 307 20.51 6.04 17.58
N ALA B 308 21.11 5.44 16.57
CA ALA B 308 20.75 4.09 16.13
C ALA B 308 21.12 2.98 17.13
N GLY B 309 22.15 3.23 17.93
CA GLY B 309 22.67 2.28 18.88
C GLY B 309 23.54 1.17 18.30
N THR B 310 24.06 1.33 17.09
CA THR B 310 24.90 0.31 16.45
C THR B 310 26.40 0.31 16.81
N PRO B 311 27.01 1.50 17.05
CA PRO B 311 28.43 1.47 17.36
C PRO B 311 28.78 0.73 18.64
N HIS B 312 29.98 0.15 18.71
CA HIS B 312 30.57 -0.23 19.99
C HIS B 312 31.07 1.01 20.76
N GLN B 313 31.36 0.85 22.04
CA GLN B 313 31.75 1.97 22.92
C GLN B 313 32.97 2.72 22.45
N GLY B 314 33.89 2.01 21.81
CA GLY B 314 35.12 2.60 21.28
C GLY B 314 34.94 3.59 20.16
N ARG B 315 33.97 3.32 19.28
CA ARG B 315 33.60 4.28 18.25
C ARG B 315 32.86 5.42 18.88
N ALA B 316 31.98 5.15 19.84
CA ALA B 316 31.31 6.22 20.53
C ALA B 316 32.33 7.12 21.21
N SER B 317 33.38 6.53 21.78
CA SER B 317 34.48 7.28 22.40
C SER B 317 35.10 8.26 21.44
N LEU B 318 35.47 7.73 20.28
CA LEU B 318 36.14 8.48 19.24
C LEU B 318 35.25 9.61 18.76
N LEU B 319 33.96 9.35 18.67
CA LEU B 319 32.97 10.41 18.38
C LEU B 319 32.86 11.44 19.53
N ALA B 320 32.95 10.98 20.78
CA ALA B 320 32.96 11.89 21.91
C ALA B 320 34.18 12.83 21.81
N GLN B 321 35.34 12.28 21.51
CA GLN B 321 36.56 13.06 21.32
C GLN B 321 36.41 14.05 20.15
N GLU B 322 35.79 13.62 19.05
CA GLU B 322 35.58 14.51 17.90
C GLU B 322 34.68 15.69 18.29
N ALA B 323 33.60 15.42 19.00
CA ALA B 323 32.70 16.49 19.39
C ALA B 323 33.42 17.49 20.31
N GLU B 324 34.29 16.98 21.18
CA GLU B 324 35.03 17.83 22.10
C GLU B 324 36.05 18.68 21.32
N ARG B 325 36.75 18.09 20.34
CA ARG B 325 37.68 18.83 19.48
C ARG B 325 36.99 19.89 18.63
N TRP B 326 35.78 19.63 18.17
CA TRP B 326 34.96 20.66 17.51
C TRP B 326 34.76 21.79 18.51
N GLY B 327 34.48 21.43 19.76
CA GLY B 327 34.26 22.38 20.86
C GLY B 327 35.43 23.27 21.23
N GLU B 328 36.63 23.00 20.72
CA GLU B 328 37.80 23.88 20.87
C GLU B 328 37.77 25.08 19.91
N LYS B 329 37.07 24.95 18.79
CA LYS B 329 36.88 26.06 17.86
C LYS B 329 35.48 26.66 18.00
N ALA B 330 34.45 25.82 18.09
CA ALA B 330 33.08 26.30 18.23
C ALA B 330 32.73 26.59 19.65
N ARG B 331 32.01 27.66 19.90
CA ARG B 331 31.47 27.84 21.24
C ARG B 331 30.41 26.79 21.49
N TYR B 332 29.30 26.88 20.75
CA TYR B 332 28.09 26.09 21.04
C TYR B 332 28.14 24.78 20.25
N LEU B 333 27.82 23.66 20.91
CA LEU B 333 27.70 22.37 20.24
C LEU B 333 26.24 22.18 19.88
N LEU B 334 25.96 21.57 18.72
CA LEU B 334 26.89 20.86 17.86
C LEU B 334 26.87 21.47 16.46
N PRO B 335 28.02 22.06 16.00
CA PRO B 335 27.99 22.58 14.62
C PRO B 335 27.75 21.47 13.60
N SER B 336 27.11 21.81 12.48
CA SER B 336 26.78 20.82 11.46
C SER B 336 28.00 20.33 10.68
N VAL B 337 29.11 21.06 10.71
CA VAL B 337 30.33 20.57 10.10
C VAL B 337 31.56 20.94 10.95
N ASP B 338 32.52 20.04 10.99
CA ASP B 338 33.79 20.28 11.63
C ASP B 338 34.21 21.73 11.40
N PRO B 339 34.31 22.53 12.47
CA PRO B 339 34.68 23.93 12.25
C PRO B 339 36.07 24.14 11.62
N THR B 340 36.95 23.14 11.66
CA THR B 340 38.22 23.22 10.91
C THR B 340 38.09 22.85 9.43
N SER B 341 36.90 22.46 8.99
CA SER B 341 36.71 22.08 7.58
C SER B 341 36.87 23.30 6.68
N PRO B 342 37.57 23.12 5.53
CA PRO B 342 37.67 24.23 4.57
C PRO B 342 36.30 24.67 4.03
N PHE B 343 35.28 23.80 4.14
CA PHE B 343 33.89 24.13 3.74
C PHE B 343 33.08 24.77 4.86
N PHE B 344 33.66 24.87 6.06
CA PHE B 344 32.95 25.47 7.19
C PHE B 344 32.44 26.89 6.92
N GLU B 345 31.14 27.10 7.08
CA GLU B 345 30.53 28.41 6.94
C GLU B 345 29.56 28.61 8.10
N PRO B 346 29.95 29.40 9.11
CA PRO B 346 29.20 29.44 10.38
C PRO B 346 27.75 29.91 10.35
N GLY B 347 27.32 30.52 9.24
CA GLY B 347 25.95 30.98 9.09
C GLY B 347 25.13 30.30 8.01
N ARG B 348 25.78 29.50 7.12
CA ARG B 348 25.13 29.01 5.88
C ARG B 348 24.54 27.58 5.98
N TYR B 349 23.43 27.47 6.72
CA TYR B 349 22.51 26.33 6.68
C TYR B 349 23.02 25.03 7.32
N TRP B 350 23.47 24.06 6.52
CA TRP B 350 23.97 22.81 7.05
C TRP B 350 25.49 22.73 6.79
N ARG B 351 26.13 23.88 6.58
CA ARG B 351 27.58 23.92 6.38
C ARG B 351 28.31 24.50 7.60
N GLY B 352 27.70 24.41 8.79
CA GLY B 352 28.33 24.89 10.02
C GLY B 352 27.41 25.16 11.19
N PRO B 353 26.22 25.72 10.93
CA PRO B 353 25.34 26.10 12.04
C PRO B 353 24.92 24.97 12.95
N VAL B 354 24.53 25.32 14.17
CA VAL B 354 24.02 24.39 15.18
C VAL B 354 22.53 24.20 15.00
N TRP B 355 22.07 22.96 15.10
CA TRP B 355 20.66 22.60 14.92
C TRP B 355 20.13 21.89 16.14
N ILE B 356 18.88 22.16 16.50
CA ILE B 356 18.32 21.65 17.76
C ILE B 356 17.90 20.17 17.71
N ASN B 357 17.39 19.71 16.56
CA ASN B 357 16.93 18.33 16.39
C ASN B 357 18.08 17.36 16.40
N VAL B 358 19.17 17.76 15.75
CA VAL B 358 20.39 16.98 15.72
C VAL B 358 21.03 16.98 17.12
N ASN B 359 21.08 18.14 17.78
CA ASN B 359 21.54 18.17 19.18
C ASN B 359 20.80 17.17 20.05
N TRP B 360 19.49 17.08 19.87
CA TRP B 360 18.67 16.20 20.72
C TRP B 360 18.95 14.71 20.46
N MET B 361 18.99 14.35 19.17
CA MET B 361 19.28 13.00 18.73
C MET B 361 20.69 12.57 19.17
N VAL B 362 21.70 13.41 18.92
CA VAL B 362 23.08 13.08 19.23
C VAL B 362 23.31 12.99 20.74
N ALA B 363 22.55 13.78 21.51
CA ALA B 363 22.62 13.78 22.98
C ALA B 363 22.00 12.51 23.54
N GLU B 364 20.80 12.19 23.08
CA GLU B 364 20.16 10.95 23.49
C GLU B 364 21.10 9.76 23.19
N GLY B 365 21.73 9.79 22.02
CA GLY B 365 22.77 8.82 21.64
C GLY B 365 23.94 8.73 22.61
N PHE B 366 24.53 9.87 22.96
CA PHE B 366 25.69 9.87 23.86
C PHE B 366 25.31 9.43 25.25
N ARG B 367 24.12 9.82 25.68
CA ARG B 367 23.61 9.42 26.97
C ARG B 367 23.61 7.89 27.05
N ASP B 368 23.14 7.24 25.99
CA ASP B 368 22.97 5.78 26.09
C ASP B 368 24.32 5.07 26.08
N TYR B 369 25.36 5.75 25.60
CA TYR B 369 26.71 5.21 25.59
C TYR B 369 27.53 5.61 26.81
N GLY B 370 26.91 6.31 27.77
CA GLY B 370 27.55 6.62 29.05
C GLY B 370 28.23 7.98 29.09
N PHE B 371 28.07 8.79 28.05
CA PHE B 371 28.74 10.10 27.96
C PHE B 371 27.82 11.19 28.51
N ALA B 372 27.60 11.14 29.82
CA ALA B 372 26.56 11.97 30.45
C ALA B 372 26.90 13.45 30.35
N ALA B 373 28.18 13.78 30.51
CA ALA B 373 28.65 15.15 30.49
C ALA B 373 28.49 15.79 29.12
N LEU B 374 28.82 15.06 28.06
CA LEU B 374 28.68 15.57 26.72
C LEU B 374 27.18 15.72 26.37
N ALA B 375 26.37 14.74 26.75
CA ALA B 375 24.93 14.79 26.49
C ALA B 375 24.29 15.99 27.20
N ALA B 376 24.76 16.29 28.42
CA ALA B 376 24.29 17.44 29.22
C ALA B 376 24.74 18.79 28.61
N ARG B 377 25.91 18.79 27.97
CA ARG B 377 26.42 19.95 27.28
C ARG B 377 25.62 20.29 26.03
N LEU B 378 25.22 19.26 25.30
CA LEU B 378 24.42 19.41 24.10
C LEU B 378 23.06 19.97 24.46
N LYS B 379 22.51 19.51 25.57
CA LYS B 379 21.22 19.97 26.05
C LYS B 379 21.27 21.39 26.58
N ALA B 380 22.24 21.65 27.45
CA ALA B 380 22.46 22.98 27.98
C ALA B 380 22.69 23.98 26.83
N ASP B 381 23.50 23.62 25.84
CA ASP B 381 23.81 24.50 24.72
C ASP B 381 22.56 24.81 23.90
N ALA B 382 21.76 23.77 23.65
CA ALA B 382 20.52 23.91 22.90
C ALA B 382 19.61 24.87 23.63
N LEU B 383 19.43 24.66 24.93
CA LEU B 383 18.48 25.44 25.73
C LEU B 383 18.95 26.89 25.91
N ALA B 384 20.26 27.09 26.05
CA ALA B 384 20.82 28.43 26.15
C ALA B 384 20.72 29.21 24.82
N LEU B 385 20.99 28.55 23.69
CA LEU B 385 20.85 29.17 22.36
C LEU B 385 19.43 29.68 22.16
N MET B 386 18.48 28.90 22.65
CA MET B 386 17.06 29.22 22.51
C MET B 386 16.62 30.26 23.53
N GLU B 387 17.27 30.32 24.69
CA GLU B 387 17.01 31.41 25.67
C GLU B 387 17.39 32.81 25.14
N ARG B 388 18.55 32.93 24.51
CA ARG B 388 19.08 34.24 24.06
C ARG B 388 18.57 34.68 22.68
N GLU B 389 18.35 33.75 21.75
CA GLU B 389 17.97 34.16 20.39
C GLU B 389 16.59 33.66 19.90
N GLY B 390 15.75 33.15 20.80
CA GLY B 390 14.46 32.58 20.40
C GLY B 390 14.61 31.23 19.68
N PHE B 391 13.56 30.81 18.96
CA PHE B 391 13.53 29.51 18.27
C PHE B 391 13.83 29.66 16.80
N ARG B 392 15.10 29.53 16.44
CA ARG B 392 15.51 29.71 15.05
C ARG B 392 15.84 28.35 14.42
N GLU B 393 15.92 28.34 13.10
CA GLU B 393 16.19 27.13 12.34
C GLU B 393 17.54 26.56 12.74
N TYR B 394 18.55 27.42 12.76
CA TYR B 394 19.90 27.05 13.18
C TYR B 394 20.59 28.21 13.89
N TYR B 395 21.79 27.96 14.45
CA TYR B 395 22.52 29.01 15.17
C TYR B 395 24.00 29.00 14.86
N ASP B 396 24.58 30.20 14.85
CA ASP B 396 26.02 30.35 14.68
C ASP B 396 26.70 29.62 15.85
N PRO B 397 27.61 28.69 15.54
CA PRO B 397 28.35 28.05 16.62
C PRO B 397 29.45 28.91 17.27
N LEU B 398 29.87 29.98 16.59
CA LEU B 398 30.89 30.91 17.08
C LEU B 398 30.23 31.99 17.94
N THR B 399 29.16 32.60 17.42
CA THR B 399 28.49 33.74 18.06
C THR B 399 27.15 33.41 18.73
N GLY B 400 26.55 32.27 18.45
CA GLY B 400 25.22 31.96 19.00
C GLY B 400 24.07 32.73 18.33
N GLN B 401 24.42 33.56 17.35
CA GLN B 401 23.45 34.32 16.57
C GLN B 401 22.43 33.38 15.89
N GLY B 402 21.15 33.67 16.10
CA GLY B 402 20.08 32.99 15.39
C GLY B 402 20.22 33.15 13.87
N ARG B 403 19.88 32.10 13.14
CA ARG B 403 20.01 32.10 11.70
C ARG B 403 18.79 31.38 11.10
N GLY B 404 18.63 31.50 9.78
CA GLY B 404 17.56 30.82 9.06
C GLY B 404 16.18 31.18 9.57
N GLY B 405 15.24 30.27 9.37
CA GLY B 405 13.85 30.47 9.75
C GLY B 405 13.69 30.99 11.15
N GLU B 406 12.76 31.91 11.30
CA GLU B 406 12.32 32.40 12.59
C GLU B 406 11.08 31.60 12.99
N GLY B 407 10.77 31.59 14.27
CA GLY B 407 9.61 30.86 14.78
C GLY B 407 9.66 29.39 14.38
N PHE B 408 10.85 28.79 14.42
CA PHE B 408 11.07 27.45 13.84
C PHE B 408 10.55 26.32 14.72
N SER B 409 9.54 25.61 14.22
CA SER B 409 8.69 24.70 15.02
C SER B 409 9.40 23.59 15.83
N TRP B 410 10.37 22.87 15.23
CA TRP B 410 10.96 21.74 15.95
C TRP B 410 11.94 22.22 17.02
N SER B 411 12.44 23.45 16.89
CA SER B 411 13.26 24.06 17.95
C SER B 411 12.38 24.20 19.19
N ALA B 412 11.19 24.74 19.01
CA ALA B 412 10.27 24.90 20.13
C ALA B 412 9.74 23.57 20.66
N ALA B 413 9.44 22.66 19.76
CA ALA B 413 8.97 21.32 20.11
C ALA B 413 10.00 20.57 20.96
N LEU B 414 11.25 20.55 20.50
CA LEU B 414 12.29 19.80 21.22
C LEU B 414 12.68 20.48 22.53
N ALA B 415 12.61 21.82 22.56
CA ALA B 415 12.77 22.57 23.81
C ALA B 415 11.74 22.08 24.86
N LEU B 416 10.50 21.95 24.43
CA LEU B 416 9.40 21.49 25.28
C LEU B 416 9.59 20.02 25.66
N PHE B 417 10.02 19.19 24.70
CA PHE B 417 10.21 17.75 24.95
C PHE B 417 11.37 17.47 25.89
N TRP B 418 12.51 18.08 25.57
CA TRP B 418 13.77 17.85 26.28
C TRP B 418 13.76 18.35 27.72
N THR B 419 12.86 19.27 28.04
CA THR B 419 12.73 19.78 29.40
C THR B 419 11.51 19.20 30.09
N ARG B 420 10.96 18.11 29.55
CA ARG B 420 9.72 17.56 30.04
C ARG B 420 9.91 17.00 31.41
#